data_3E7A
#
_entry.id   3E7A
#
_cell.length_a   65.354
_cell.length_b   77.274
_cell.length_c   132.444
_cell.angle_alpha   90.00
_cell.angle_beta   90.00
_cell.angle_gamma   90.00
#
_symmetry.space_group_name_H-M   'P 21 21 21'
#
loop_
_entity.id
_entity.type
_entity.pdbx_description
1 polymer 'Serine/threonine-protein phosphatase PP1-alpha catalytic subunit'
2 polymer 'nodularin R'
3 non-polymer 'MANGANESE (II) ION'
4 non-polymer 'IODIDE ION'
5 non-polymer 'CHLORIDE ION'
6 non-polymer GLYCEROL
7 non-polymer 'AZIDE ION'
8 water water
#
loop_
_entity_poly.entity_id
_entity_poly.type
_entity_poly.pdbx_seq_one_letter_code
_entity_poly.pdbx_strand_id
1 'polypeptide(L)'
;GHMGSLNLDSIIGRLLEVQGSRPGKNVQLTENEIRGLCLKSREIFLSQPILLELEAPLKICGDIHGQYYDLLRLFEYGGF
PPESNYLFLGDYVDRGKQSLETICLLLAYKIKYPENFFLLRGNHECASINRIYGFYDECKRRYNIKLWKTFTDCFNCLPI
AAIVDEKIFCCHGGLSPDLQSMEQIRRIMRPTDVPDQGLLCDLLWSDPDKDVQGWGENDRGVSFTFGAEVVAKFLHKHDL
DLICRAHQVVEDGYEFFAKRQLVTLFSAPNYCGEFDNAGAMMSVDETLMCSFQILKPAD
;
A,B
2 'polypeptide(L)' (ACB)R(1ZN)(FGA)(MDH) C,D
#
loop_
_chem_comp.id
_chem_comp.type
_chem_comp.name
_chem_comp.formula
1ZN peptide-like '(2S,3S,4E,6E,8S,9S)-3-amino-9-methoxy-2,6,8-trimethyl-10-phenyldeca-4,6-dienoic acid' 'C20 H29 N O3'
ACB D-beta-peptide, C-gamma linking '3-METHYL-BETA-D-ASPARTIC ACID' 'C5 H9 N O4'
AZI non-polymer 'AZIDE ION' 'N3 -1'
CL non-polymer 'CHLORIDE ION' 'Cl -1'
FGA D-gamma-peptide, C-delta linking 'GAMMA-D-GLUTAMIC ACID' 'C5 H9 N O4'
GOL non-polymer GLYCEROL 'C3 H8 O3'
IOD non-polymer 'IODIDE ION' 'I -1'
MN non-polymer 'MANGANESE (II) ION' 'Mn 2'
#
# COMPACT_ATOMS: atom_id res chain seq x y z
N LEU A 6 28.13 1.70 -25.46
CA LEU A 6 26.78 1.19 -25.07
C LEU A 6 25.83 2.37 -24.87
N ASN A 7 24.77 2.46 -25.68
CA ASN A 7 23.85 3.60 -25.58
C ASN A 7 22.67 3.27 -24.68
N LEU A 8 22.83 3.55 -23.39
CA LEU A 8 21.81 3.17 -22.42
C LEU A 8 20.48 3.83 -22.70
N ASP A 9 20.49 5.13 -22.99
CA ASP A 9 19.23 5.80 -23.21
C ASP A 9 18.51 5.28 -24.44
N SER A 10 19.26 4.94 -25.47
CA SER A 10 18.68 4.36 -26.67
C SER A 10 17.98 3.05 -26.33
N ILE A 11 18.69 2.22 -25.57
CA ILE A 11 18.20 0.92 -25.15
C ILE A 11 16.96 1.05 -24.28
N ILE A 12 17.05 1.90 -23.25
CA ILE A 12 15.91 2.14 -22.37
C ILE A 12 14.70 2.68 -23.16
N GLY A 13 14.93 3.61 -24.08
CA GLY A 13 13.85 4.18 -24.89
C GLY A 13 13.13 3.13 -25.71
N ARG A 14 13.89 2.21 -26.30
CA ARG A 14 13.28 1.13 -27.08
C ARG A 14 12.51 0.18 -26.19
N LEU A 15 13.06 -0.11 -25.01
CA LEU A 15 12.39 -0.98 -24.07
C LEU A 15 11.06 -0.38 -23.58
N LEU A 16 11.05 0.93 -23.40
CA LEU A 16 9.86 1.63 -22.88
C LEU A 16 8.87 2.02 -23.99
N GLU A 17 9.26 1.88 -25.27
CA GLU A 17 8.40 2.25 -26.42
C GLU A 17 7.05 1.52 -26.38
N VAL A 18 7.08 0.29 -25.87
CA VAL A 18 5.91 -0.57 -25.86
C VAL A 18 4.97 -0.30 -24.68
N GLN A 19 5.29 0.66 -23.82
CA GLN A 19 4.36 1.08 -22.78
C GLN A 19 3.02 1.42 -23.45
N GLY A 20 1.93 0.96 -22.86
CA GLY A 20 0.62 1.31 -23.39
C GLY A 20 0.06 0.32 -24.39
N SER A 21 0.91 -0.55 -24.94
CA SER A 21 0.44 -1.82 -25.51
C SER A 21 -0.15 -2.58 -24.30
N ARG A 22 -1.10 -3.49 -24.45
CA ARG A 22 -1.16 -4.51 -25.50
C ARG A 22 -0.03 -5.50 -25.21
N PRO A 23 -0.06 -6.16 -24.02
CA PRO A 23 1.00 -7.12 -23.73
C PRO A 23 1.15 -8.11 -24.88
N GLY A 24 2.39 -8.44 -25.22
CA GLY A 24 2.66 -9.34 -26.34
C GLY A 24 3.82 -8.86 -27.19
N LYS A 25 3.88 -7.55 -27.43
CA LYS A 25 4.89 -7.00 -28.34
C LYS A 25 6.29 -7.09 -27.73
N ASN A 26 7.18 -7.72 -28.46
CA ASN A 26 8.56 -7.86 -28.04
C ASN A 26 9.34 -6.57 -28.28
N VAL A 27 10.41 -6.43 -27.51
CA VAL A 27 11.48 -5.46 -27.79
C VAL A 27 12.73 -6.31 -28.01
N GLN A 28 13.26 -6.22 -29.22
CA GLN A 28 14.38 -7.03 -29.67
C GLN A 28 15.61 -6.15 -29.82
N LEU A 29 16.41 -6.09 -28.74
CA LEU A 29 17.68 -5.39 -28.76
C LEU A 29 18.69 -6.19 -29.59
N THR A 30 19.81 -5.59 -29.94
CA THR A 30 20.83 -6.36 -30.64
C THR A 30 21.60 -7.22 -29.65
N GLU A 31 22.14 -8.32 -30.14
CA GLU A 31 23.01 -9.20 -29.37
CA GLU A 31 22.96 -9.18 -29.27
C GLU A 31 24.16 -8.42 -28.73
N ASN A 32 24.79 -7.54 -29.51
CA ASN A 32 25.91 -6.73 -28.98
C ASN A 32 25.49 -5.81 -27.84
N GLU A 33 24.30 -5.22 -27.96
CA GLU A 33 23.72 -4.41 -26.90
C GLU A 33 23.53 -5.20 -25.63
N ILE A 34 22.92 -6.37 -25.75
CA ILE A 34 22.65 -7.19 -24.55
C ILE A 34 23.95 -7.66 -23.91
N ARG A 35 24.91 -8.06 -24.73
CA ARG A 35 26.22 -8.42 -24.20
C ARG A 35 26.83 -7.28 -23.39
N GLY A 36 26.69 -6.05 -23.90
CA GLY A 36 27.18 -4.87 -23.22
C GLY A 36 26.49 -4.63 -21.89
N LEU A 37 25.17 -4.80 -21.88
CA LEU A 37 24.41 -4.68 -20.61
C LEU A 37 24.91 -5.65 -19.60
N CYS A 38 25.16 -6.89 -20.05
CA CYS A 38 25.64 -7.92 -19.14
C CYS A 38 27.02 -7.60 -18.61
N LEU A 39 27.94 -7.24 -19.50
CA LEU A 39 29.32 -7.00 -19.09
C LEU A 39 29.46 -5.80 -18.15
N LYS A 40 28.77 -4.71 -18.49
CA LYS A 40 28.86 -3.49 -17.68
CA LYS A 40 28.85 -3.49 -17.69
C LYS A 40 28.16 -3.67 -16.34
N SER A 41 27.00 -4.34 -16.34
CA SER A 41 26.31 -4.53 -15.07
C SER A 41 27.11 -5.47 -14.18
N ARG A 42 27.70 -6.50 -14.76
CA ARG A 42 28.58 -7.46 -14.03
CA ARG A 42 28.33 -7.44 -13.87
C ARG A 42 29.62 -6.75 -13.24
N GLU A 43 30.29 -5.81 -13.92
CA GLU A 43 31.37 -5.02 -13.33
CA GLU A 43 31.37 -5.04 -13.34
C GLU A 43 30.87 -4.26 -12.12
N ILE A 44 29.70 -3.63 -12.28
CA ILE A 44 29.10 -2.88 -11.17
C ILE A 44 28.73 -3.80 -10.00
N PHE A 45 28.10 -4.93 -10.28
CA PHE A 45 27.78 -5.89 -9.22
C PHE A 45 29.04 -6.26 -8.42
N LEU A 46 30.13 -6.59 -9.12
CA LEU A 46 31.36 -6.99 -8.45
C LEU A 46 31.97 -5.85 -7.65
N SER A 47 31.76 -4.62 -8.11
CA SER A 47 32.31 -3.43 -7.41
C SER A 47 31.59 -3.07 -6.12
N GLN A 48 30.35 -3.56 -5.97
CA GLN A 48 29.52 -3.27 -4.81
C GLN A 48 29.50 -4.50 -3.92
N PRO A 49 29.21 -4.31 -2.62
CA PRO A 49 29.20 -5.46 -1.70
C PRO A 49 28.18 -6.54 -2.09
N ILE A 50 28.50 -7.78 -1.71
CA ILE A 50 27.58 -8.90 -1.89
C ILE A 50 26.41 -8.84 -0.90
N LEU A 51 26.63 -8.17 0.23
CA LEU A 51 25.57 -7.84 1.20
C LEU A 51 25.42 -6.31 1.16
N LEU A 52 24.37 -5.85 0.50
CA LEU A 52 24.18 -4.42 0.25
C LEU A 52 23.73 -3.75 1.52
N GLU A 53 24.18 -2.52 1.74
CA GLU A 53 23.72 -1.72 2.86
C GLU A 53 23.03 -0.48 2.27
N LEU A 54 21.71 -0.49 2.33
CA LEU A 54 20.87 0.46 1.62
C LEU A 54 20.17 1.42 2.57
N GLU A 55 19.73 2.55 2.01
CA GLU A 55 19.00 3.57 2.76
C GLU A 55 17.56 3.68 2.26
N ALA A 56 16.64 3.91 3.20
CA ALA A 56 15.28 4.29 2.86
C ALA A 56 15.25 5.79 2.58
N PRO A 57 14.26 6.28 1.81
CA PRO A 57 13.13 5.53 1.24
C PRO A 57 13.48 4.76 -0.02
N LEU A 58 12.74 3.69 -0.24
CA LEU A 58 12.90 2.90 -1.46
C LEU A 58 11.68 2.03 -1.65
N LYS A 59 11.56 1.49 -2.87
CA LYS A 59 10.52 0.53 -3.23
C LYS A 59 11.17 -0.83 -3.35
N ILE A 60 10.50 -1.86 -2.85
CA ILE A 60 11.00 -3.22 -2.90
C ILE A 60 10.03 -4.12 -3.68
N CYS A 61 10.59 -4.84 -4.65
CA CYS A 61 9.83 -5.69 -5.53
CA CYS A 61 9.79 -5.72 -5.49
C CYS A 61 10.23 -7.16 -5.36
N GLY A 62 9.27 -8.07 -5.46
CA GLY A 62 9.52 -9.49 -5.46
C GLY A 62 9.49 -10.02 -6.88
N ASP A 63 9.09 -11.29 -7.03
CA ASP A 63 9.35 -12.01 -8.28
C ASP A 63 8.64 -11.37 -9.46
N ILE A 64 9.33 -11.32 -10.60
CA ILE A 64 8.77 -10.78 -11.85
C ILE A 64 8.57 -11.88 -12.91
N HIS A 65 9.52 -12.82 -13.04
CA HIS A 65 9.36 -14.00 -13.90
C HIS A 65 8.90 -13.67 -15.32
N GLY A 66 9.62 -12.75 -15.93
CA GLY A 66 9.40 -12.40 -17.32
C GLY A 66 8.10 -11.72 -17.65
N GLN A 67 7.34 -11.27 -16.64
CA GLN A 67 6.07 -10.57 -16.89
C GLN A 67 6.36 -9.10 -17.13
N TYR A 68 6.94 -8.83 -18.30
CA TYR A 68 7.50 -7.50 -18.61
C TYR A 68 6.45 -6.39 -18.51
N TYR A 69 5.26 -6.65 -19.04
CA TYR A 69 4.24 -5.61 -19.04
C TYR A 69 3.77 -5.28 -17.63
N ASP A 70 3.84 -6.25 -16.73
CA ASP A 70 3.60 -6.00 -15.31
C ASP A 70 4.74 -5.21 -14.65
N LEU A 71 5.99 -5.49 -15.04
CA LEU A 71 7.11 -4.69 -14.57
C LEU A 71 6.89 -3.23 -14.92
N LEU A 72 6.46 -2.98 -16.17
CA LEU A 72 6.18 -1.62 -16.61
C LEU A 72 5.07 -0.99 -15.78
N ARG A 73 4.04 -1.74 -15.43
CA ARG A 73 2.98 -1.22 -14.56
C ARG A 73 3.53 -0.88 -13.16
N LEU A 74 4.42 -1.73 -12.63
CA LEU A 74 5.03 -1.47 -11.33
C LEU A 74 5.78 -0.14 -11.35
N PHE A 75 6.57 0.09 -12.40
CA PHE A 75 7.27 1.37 -12.54
C PHE A 75 6.31 2.55 -12.76
N GLU A 76 5.24 2.33 -13.51
CA GLU A 76 4.26 3.38 -13.74
CA GLU A 76 4.22 3.36 -13.73
C GLU A 76 3.65 3.80 -12.38
N TYR A 77 3.35 2.82 -11.52
CA TYR A 77 2.76 3.04 -10.18
CA TYR A 77 2.74 3.18 -10.25
C TYR A 77 3.76 3.65 -9.21
N GLY A 78 4.96 3.11 -9.22
CA GLY A 78 6.00 3.44 -8.24
C GLY A 78 6.91 4.59 -8.60
N GLY A 79 6.88 4.98 -9.88
CA GLY A 79 7.82 5.95 -10.40
C GLY A 79 8.95 5.28 -11.14
N PHE A 80 9.17 5.67 -12.39
CA PHE A 80 10.29 5.10 -13.15
C PHE A 80 11.62 5.54 -12.53
N PRO A 81 12.62 4.63 -12.48
CA PRO A 81 13.94 5.03 -11.97
C PRO A 81 14.43 6.31 -12.67
N PRO A 82 15.05 7.25 -11.93
CA PRO A 82 15.44 7.24 -10.52
C PRO A 82 14.45 8.00 -9.62
N GLU A 83 13.21 8.12 -10.08
CA GLU A 83 12.21 8.88 -9.31
C GLU A 83 11.97 8.28 -7.94
N SER A 84 12.09 6.96 -7.89
CA SER A 84 12.16 6.21 -6.66
CA SER A 84 12.19 6.22 -6.64
C SER A 84 13.42 5.34 -6.72
N ASN A 85 14.00 5.05 -5.57
CA ASN A 85 15.06 4.04 -5.44
C ASN A 85 14.37 2.69 -5.42
N TYR A 86 15.00 1.68 -6.00
CA TYR A 86 14.43 0.34 -6.09
C TYR A 86 15.39 -0.71 -5.57
N LEU A 87 14.81 -1.71 -4.92
CA LEU A 87 15.47 -2.98 -4.64
C LEU A 87 14.56 -4.08 -5.15
N PHE A 88 15.08 -4.89 -6.04
CA PHE A 88 14.40 -6.11 -6.51
C PHE A 88 15.01 -7.33 -5.83
N LEU A 89 14.18 -8.33 -5.51
CA LEU A 89 14.63 -9.47 -4.71
C LEU A 89 14.97 -10.72 -5.52
N GLY A 90 14.97 -10.62 -6.85
CA GLY A 90 15.34 -11.75 -7.70
C GLY A 90 14.21 -12.36 -8.51
N ASP A 91 14.53 -13.44 -9.21
CA ASP A 91 13.56 -14.14 -10.05
C ASP A 91 12.97 -13.23 -11.13
N TYR A 92 13.88 -12.76 -11.97
CA TYR A 92 13.59 -11.87 -13.10
C TYR A 92 13.15 -12.65 -14.34
N VAL A 93 13.72 -13.84 -14.46
CA VAL A 93 13.53 -14.69 -15.63
C VAL A 93 12.79 -16.00 -15.30
N ASP A 94 12.49 -16.73 -16.37
CA ASP A 94 11.77 -18.01 -16.34
C ASP A 94 10.29 -17.77 -16.15
N ARG A 95 9.53 -18.75 -16.66
CA ARG A 95 8.08 -18.85 -16.58
C ARG A 95 7.31 -17.94 -17.52
N GLY A 96 7.64 -16.67 -17.53
CA GLY A 96 6.87 -15.69 -18.30
C GLY A 96 7.26 -15.63 -19.75
N LYS A 97 6.60 -14.73 -20.48
CA LYS A 97 6.73 -14.63 -21.92
C LYS A 97 7.85 -13.68 -22.37
N GLN A 98 8.30 -12.81 -21.46
CA GLN A 98 9.23 -11.74 -21.84
C GLN A 98 10.34 -11.55 -20.83
N SER A 99 11.04 -12.66 -20.54
CA SER A 99 12.20 -12.59 -19.64
C SER A 99 13.30 -11.68 -20.18
N LEU A 100 13.52 -11.70 -21.51
CA LEU A 100 14.64 -10.92 -22.06
C LEU A 100 14.39 -9.42 -21.86
N GLU A 101 13.19 -8.94 -22.17
CA GLU A 101 12.89 -7.52 -21.98
C GLU A 101 13.04 -7.13 -20.49
N THR A 102 12.53 -8.02 -19.64
CA THR A 102 12.56 -7.81 -18.20
C THR A 102 13.98 -7.65 -17.70
N ILE A 103 14.83 -8.63 -17.95
CA ILE A 103 16.19 -8.55 -17.42
C ILE A 103 16.97 -7.42 -18.09
N CYS A 104 16.76 -7.16 -19.39
CA CYS A 104 17.50 -6.09 -20.05
C CYS A 104 17.16 -4.69 -19.50
N LEU A 105 15.88 -4.44 -19.22
CA LEU A 105 15.52 -3.15 -18.64
C LEU A 105 16.13 -2.99 -17.26
N LEU A 106 16.07 -4.06 -16.44
CA LEU A 106 16.64 -4.04 -15.10
C LEU A 106 18.15 -3.81 -15.13
N LEU A 107 18.87 -4.49 -16.01
CA LEU A 107 20.31 -4.27 -16.13
C LEU A 107 20.64 -2.86 -16.63
N ALA A 108 19.87 -2.35 -17.58
CA ALA A 108 20.10 -1.00 -18.10
C ALA A 108 19.93 0.02 -16.97
N TYR A 109 18.91 -0.18 -16.15
CA TYR A 109 18.71 0.75 -15.05
C TYR A 109 19.80 0.64 -13.99
N LYS A 110 20.32 -0.56 -13.77
CA LYS A 110 21.44 -0.71 -12.84
C LYS A 110 22.66 0.07 -13.32
N ILE A 111 22.91 0.03 -14.62
CA ILE A 111 24.06 0.74 -15.16
C ILE A 111 23.83 2.25 -15.13
N LYS A 112 22.61 2.68 -15.43
CA LYS A 112 22.32 4.12 -15.44
C LYS A 112 22.33 4.71 -14.02
N TYR A 113 21.81 3.94 -13.05
CA TYR A 113 21.58 4.44 -11.69
C TYR A 113 22.14 3.46 -10.67
N PRO A 114 23.47 3.23 -10.71
CA PRO A 114 24.06 2.15 -9.92
C PRO A 114 23.98 2.31 -8.40
N GLU A 115 23.81 3.55 -7.92
CA GLU A 115 23.73 3.82 -6.49
CA GLU A 115 23.73 3.82 -6.49
C GLU A 115 22.27 4.03 -6.02
N ASN A 116 21.33 3.89 -6.94
CA ASN A 116 19.90 4.13 -6.64
C ASN A 116 18.97 3.00 -7.10
N PHE A 117 19.56 1.94 -7.62
CA PHE A 117 18.81 0.85 -8.22
C PHE A 117 19.59 -0.43 -7.93
N PHE A 118 18.91 -1.42 -7.33
CA PHE A 118 19.56 -2.63 -6.82
C PHE A 118 18.79 -3.88 -7.17
N LEU A 119 19.55 -4.90 -7.54
CA LEU A 119 19.02 -6.21 -7.93
C LEU A 119 19.71 -7.28 -7.10
N LEU A 120 18.93 -8.10 -6.39
CA LEU A 120 19.46 -9.27 -5.72
C LEU A 120 19.28 -10.51 -6.60
N ARG A 121 20.00 -11.56 -6.23
CA ARG A 121 19.91 -12.84 -6.92
C ARG A 121 18.77 -13.68 -6.39
N GLY A 122 17.95 -14.18 -7.30
CA GLY A 122 16.95 -15.20 -6.99
C GLY A 122 17.41 -16.59 -7.39
N ASN A 123 16.64 -17.59 -7.00
CA ASN A 123 17.01 -18.96 -7.35
C ASN A 123 16.89 -19.22 -8.85
N HIS A 124 16.20 -18.36 -9.60
CA HIS A 124 16.14 -18.50 -11.06
C HIS A 124 17.28 -17.82 -11.83
N GLU A 125 18.10 -17.06 -11.13
CA GLU A 125 19.30 -16.46 -11.72
C GLU A 125 20.44 -17.49 -11.54
N CYS A 126 20.24 -18.62 -12.20
CA CYS A 126 21.03 -19.83 -11.99
C CYS A 126 20.83 -20.69 -13.23
N ALA A 127 21.92 -21.07 -13.89
CA ALA A 127 21.84 -21.77 -15.18
C ALA A 127 21.06 -23.07 -15.13
N SER A 128 21.31 -23.89 -14.10
CA SER A 128 20.65 -25.20 -14.07
CA SER A 128 20.65 -25.19 -13.92
C SER A 128 19.13 -25.05 -13.94
N ILE A 129 18.67 -23.99 -13.28
CA ILE A 129 17.23 -23.73 -13.18
C ILE A 129 16.67 -23.12 -14.48
N ASN A 130 17.37 -22.13 -15.06
CA ASN A 130 17.08 -21.60 -16.43
C ASN A 130 16.93 -22.59 -17.50
N ARG A 131 17.81 -23.58 -17.46
CA ARG A 131 17.79 -24.63 -18.44
C ARG A 131 16.39 -25.23 -18.56
N ILE A 132 15.73 -25.42 -17.41
CA ILE A 132 14.46 -26.12 -17.31
C ILE A 132 13.25 -25.19 -17.40
N TYR A 133 13.36 -24.01 -16.77
CA TYR A 133 12.14 -23.21 -16.52
C TYR A 133 11.90 -22.06 -17.50
N GLY A 134 12.63 -22.02 -18.61
CA GLY A 134 12.25 -21.19 -19.75
C GLY A 134 13.29 -20.29 -20.36
N PHE A 135 14.19 -19.76 -19.54
CA PHE A 135 15.07 -18.69 -20.03
C PHE A 135 16.07 -19.20 -21.05
N TYR A 136 16.61 -20.40 -20.82
CA TYR A 136 17.47 -21.02 -21.82
C TYR A 136 16.75 -21.11 -23.17
N ASP A 137 15.52 -21.63 -23.15
CA ASP A 137 14.76 -21.77 -24.39
C ASP A 137 14.50 -20.41 -25.04
N GLU A 138 14.17 -19.41 -24.23
CA GLU A 138 13.91 -18.04 -24.75
C GLU A 138 15.17 -17.48 -25.41
N CYS A 139 16.31 -17.62 -24.74
CA CYS A 139 17.58 -17.14 -25.33
C CYS A 139 17.94 -17.88 -26.62
N LYS A 140 17.76 -19.20 -26.63
CA LYS A 140 18.04 -20.01 -27.80
CA LYS A 140 18.05 -20.00 -27.80
C LYS A 140 17.17 -19.60 -29.00
N ARG A 141 15.90 -19.32 -28.71
CA ARG A 141 14.95 -18.96 -29.75
C ARG A 141 15.20 -17.57 -30.29
N ARG A 142 15.39 -16.60 -29.39
CA ARG A 142 15.46 -15.18 -29.79
C ARG A 142 16.87 -14.64 -30.05
N TYR A 143 17.88 -15.33 -29.50
CA TYR A 143 19.27 -14.98 -29.69
C TYR A 143 20.04 -16.27 -29.93
N ASN A 144 20.92 -16.64 -29.02
CA ASN A 144 21.66 -17.89 -29.14
C ASN A 144 22.15 -18.28 -27.75
N ILE A 145 22.64 -19.51 -27.61
CA ILE A 145 23.02 -20.00 -26.28
C ILE A 145 24.31 -19.35 -25.78
N LYS A 146 25.15 -18.80 -26.67
CA LYS A 146 26.29 -18.01 -26.21
C LYS A 146 25.82 -16.82 -25.38
N LEU A 147 24.74 -16.16 -25.81
CA LEU A 147 24.20 -15.03 -25.06
C LEU A 147 23.61 -15.49 -23.72
N TRP A 148 23.00 -16.66 -23.71
CA TRP A 148 22.52 -17.24 -22.45
C TRP A 148 23.67 -17.38 -21.45
N LYS A 149 24.82 -17.89 -21.89
CA LYS A 149 25.99 -18.00 -21.02
C LYS A 149 26.46 -16.63 -20.54
N THR A 150 26.41 -15.62 -21.42
CA THR A 150 26.71 -14.26 -20.99
C THR A 150 25.82 -13.82 -19.83
N PHE A 151 24.53 -14.10 -19.95
CA PHE A 151 23.59 -13.79 -18.86
C PHE A 151 23.98 -14.53 -17.58
N THR A 152 24.26 -15.82 -17.70
CA THR A 152 24.65 -16.65 -16.54
C THR A 152 25.89 -16.08 -15.86
N ASP A 153 26.87 -15.67 -16.65
CA ASP A 153 28.08 -15.05 -16.09
C ASP A 153 27.76 -13.80 -15.27
N CYS A 154 26.78 -13.02 -15.74
CA CYS A 154 26.33 -11.82 -15.04
C CYS A 154 25.56 -12.19 -13.75
N PHE A 155 24.61 -13.11 -13.88
CA PHE A 155 23.86 -13.64 -12.72
C PHE A 155 24.76 -14.14 -11.62
N ASN A 156 25.87 -14.77 -12.00
CA ASN A 156 26.79 -15.35 -11.03
C ASN A 156 27.48 -14.27 -10.16
N CYS A 157 27.31 -13.00 -10.54
CA CYS A 157 27.89 -11.89 -9.81
C CYS A 157 26.87 -11.04 -9.05
N LEU A 158 25.59 -11.40 -9.09
CA LEU A 158 24.59 -10.63 -8.37
C LEU A 158 24.81 -10.70 -6.85
N PRO A 159 24.52 -9.60 -6.14
CA PRO A 159 24.55 -9.66 -4.68
C PRO A 159 23.42 -10.56 -4.17
N ILE A 160 23.51 -10.96 -2.91
CA ILE A 160 22.74 -12.05 -2.32
CA ILE A 160 22.61 -12.00 -2.41
C ILE A 160 21.72 -11.57 -1.27
N ALA A 161 22.02 -10.45 -0.63
CA ALA A 161 21.18 -9.94 0.44
C ALA A 161 21.41 -8.44 0.58
N ALA A 162 20.46 -7.77 1.24
CA ALA A 162 20.55 -6.33 1.54
C ALA A 162 20.01 -6.09 2.92
N ILE A 163 20.56 -5.09 3.60
CA ILE A 163 19.99 -4.62 4.84
C ILE A 163 19.66 -3.15 4.65
N VAL A 164 18.40 -2.79 4.91
CA VAL A 164 17.95 -1.39 4.80
C VAL A 164 18.01 -0.73 6.19
N ASP A 165 18.84 0.31 6.27
CA ASP A 165 19.03 1.12 7.47
C ASP A 165 19.18 0.30 8.76
N GLU A 166 19.96 -0.78 8.64
CA GLU A 166 20.31 -1.66 9.75
C GLU A 166 19.11 -2.39 10.38
N LYS A 167 17.97 -2.42 9.70
CA LYS A 167 16.74 -2.92 10.31
C LYS A 167 15.89 -3.86 9.46
N ILE A 168 15.94 -3.77 8.12
CA ILE A 168 15.17 -4.68 7.27
C ILE A 168 16.16 -5.55 6.51
N PHE A 169 16.20 -6.85 6.85
CA PHE A 169 17.05 -7.82 6.16
C PHE A 169 16.27 -8.38 4.97
N CYS A 170 16.87 -8.25 3.78
CA CYS A 170 16.25 -8.62 2.52
C CYS A 170 17.03 -9.69 1.80
N CYS A 171 16.29 -10.70 1.37
CA CYS A 171 16.87 -11.73 0.53
C CYS A 171 15.76 -12.46 -0.23
N HIS A 172 16.14 -13.22 -1.23
CA HIS A 172 15.13 -13.81 -2.10
C HIS A 172 14.32 -14.90 -1.39
N GLY A 173 15.02 -15.87 -0.82
CA GLY A 173 14.39 -17.05 -0.25
C GLY A 173 14.12 -16.88 1.22
N GLY A 174 15.13 -17.11 2.04
CA GLY A 174 14.94 -16.97 3.45
C GLY A 174 16.16 -17.26 4.28
N LEU A 175 15.92 -17.62 5.53
CA LEU A 175 17.00 -17.85 6.47
C LEU A 175 17.63 -19.21 6.24
N SER A 176 18.77 -19.45 6.89
CA SER A 176 19.56 -20.65 6.72
C SER A 176 19.95 -21.13 8.09
N PRO A 177 19.93 -22.47 8.30
CA PRO A 177 20.48 -23.01 9.55
C PRO A 177 21.98 -22.77 9.71
N ASP A 178 22.65 -22.41 8.62
CA ASP A 178 24.07 -22.10 8.61
C ASP A 178 24.39 -20.62 8.82
N LEU A 179 23.36 -19.76 8.86
CA LEU A 179 23.58 -18.31 9.02
C LEU A 179 23.65 -17.87 10.47
N GLN A 180 24.88 -17.72 10.95
CA GLN A 180 25.12 -17.28 12.31
C GLN A 180 25.54 -15.81 12.35
N SER A 181 26.30 -15.38 11.34
CA SER A 181 26.84 -14.01 11.29
C SER A 181 26.69 -13.43 9.90
N MET A 182 26.43 -12.12 9.83
CA MET A 182 26.33 -11.43 8.53
C MET A 182 27.65 -11.50 7.75
N GLU A 183 28.76 -11.56 8.46
CA GLU A 183 30.07 -11.74 7.84
C GLU A 183 30.15 -13.00 6.95
N GLN A 184 29.42 -14.06 7.28
CA GLN A 184 29.38 -15.25 6.42
C GLN A 184 28.86 -14.94 5.03
N ILE A 185 27.92 -14.00 4.94
CA ILE A 185 27.42 -13.55 3.64
C ILE A 185 28.49 -12.70 2.96
N ARG A 186 29.08 -11.78 3.72
CA ARG A 186 30.10 -10.87 3.17
C ARG A 186 31.28 -11.58 2.56
N ARG A 187 31.61 -12.75 3.12
CA ARG A 187 32.80 -13.52 2.71
C ARG A 187 32.63 -14.31 1.44
N ILE A 188 31.40 -14.39 0.95
CA ILE A 188 31.11 -15.18 -0.24
C ILE A 188 31.76 -14.51 -1.45
N MET A 189 32.58 -15.28 -2.15
CA MET A 189 33.29 -14.80 -3.33
C MET A 189 32.44 -14.96 -4.58
N ARG A 190 32.58 -14.00 -5.49
CA ARG A 190 31.91 -14.04 -6.79
C ARG A 190 32.96 -13.96 -7.91
N PRO A 191 32.66 -14.53 -9.08
CA PRO A 191 31.42 -15.21 -9.45
C PRO A 191 31.26 -16.53 -8.74
N THR A 192 30.00 -16.93 -8.52
CA THR A 192 29.69 -18.23 -7.93
C THR A 192 28.40 -18.73 -8.55
N ASP A 193 28.27 -20.05 -8.66
CA ASP A 193 26.98 -20.68 -8.95
C ASP A 193 26.15 -20.68 -7.66
N VAL A 194 24.86 -20.99 -7.77
CA VAL A 194 24.06 -21.32 -6.59
C VAL A 194 24.35 -22.78 -6.27
N PRO A 195 24.88 -23.06 -5.07
CA PRO A 195 25.10 -24.46 -4.72
C PRO A 195 23.80 -25.18 -4.36
N ASP A 196 23.82 -26.50 -4.37
CA ASP A 196 22.64 -27.31 -4.03
C ASP A 196 22.44 -27.51 -2.53
N GLN A 197 23.31 -26.89 -1.73
CA GLN A 197 23.19 -26.90 -0.29
C GLN A 197 24.04 -25.78 0.31
N GLY A 198 23.71 -25.41 1.54
CA GLY A 198 24.51 -24.46 2.31
C GLY A 198 23.90 -23.08 2.32
N LEU A 199 24.62 -22.15 2.97
CA LEU A 199 24.14 -20.78 3.18
C LEU A 199 23.58 -20.08 1.94
N LEU A 200 24.37 -20.03 0.86
CA LEU A 200 23.93 -19.33 -0.35
C LEU A 200 22.68 -19.99 -0.94
N CYS A 201 22.65 -21.33 -0.94
CA CYS A 201 21.46 -22.05 -1.39
C CYS A 201 20.23 -21.65 -0.57
N ASP A 202 20.36 -21.70 0.75
CA ASP A 202 19.25 -21.38 1.64
C ASP A 202 18.73 -19.95 1.49
N LEU A 203 19.64 -18.98 1.38
CA LEU A 203 19.25 -17.58 1.13
C LEU A 203 18.37 -17.40 -0.11
N LEU A 204 18.57 -18.26 -1.11
CA LEU A 204 17.80 -18.19 -2.35
C LEU A 204 16.63 -19.17 -2.44
N TRP A 205 16.54 -20.13 -1.52
CA TRP A 205 15.58 -21.25 -1.66
C TRP A 205 14.61 -21.50 -0.49
N SER A 206 14.99 -21.09 0.71
CA SER A 206 14.20 -21.53 1.88
C SER A 206 12.87 -20.80 1.95
N ASP A 207 11.95 -21.38 2.72
CA ASP A 207 10.60 -20.85 2.89
C ASP A 207 10.18 -20.83 4.35
N PRO A 208 9.38 -19.81 4.74
CA PRO A 208 8.75 -19.90 6.06
C PRO A 208 7.62 -20.91 6.05
N ASP A 209 7.30 -21.49 7.20
CA ASP A 209 6.19 -22.42 7.30
C ASP A 209 5.55 -22.28 8.66
N LYS A 210 4.23 -22.04 8.67
CA LYS A 210 3.47 -21.90 9.91
C LYS A 210 3.43 -23.18 10.74
N ASP A 211 3.64 -24.34 10.11
CA ASP A 211 3.47 -25.64 10.78
C ASP A 211 4.76 -26.25 11.31
N VAL A 212 5.89 -25.62 11.02
CA VAL A 212 7.19 -26.11 11.47
C VAL A 212 7.61 -25.30 12.69
N GLN A 213 8.20 -25.98 13.68
CA GLN A 213 8.69 -25.29 14.87
C GLN A 213 10.01 -24.60 14.54
N GLY A 214 11.07 -25.38 14.37
CA GLY A 214 12.38 -24.86 14.03
C GLY A 214 12.60 -24.97 12.54
N TRP A 215 13.47 -25.90 12.14
CA TRP A 215 13.77 -26.16 10.73
C TRP A 215 13.08 -27.43 10.27
N GLY A 216 12.55 -27.40 9.05
CA GLY A 216 11.87 -28.55 8.48
C GLY A 216 12.33 -28.85 7.07
N GLU A 217 11.87 -29.99 6.55
CA GLU A 217 12.18 -30.39 5.19
C GLU A 217 11.39 -29.50 4.25
N ASN A 218 11.98 -29.17 3.12
CA ASN A 218 11.32 -28.33 2.13
C ASN A 218 10.88 -29.24 0.98
N ASP A 219 9.59 -29.18 0.63
CA ASP A 219 9.08 -30.06 -0.42
CA ASP A 219 9.02 -30.01 -0.43
C ASP A 219 9.60 -29.69 -1.82
N ARG A 220 10.30 -28.57 -1.95
CA ARG A 220 10.98 -28.24 -3.21
C ARG A 220 12.11 -29.22 -3.54
N GLY A 221 12.54 -29.99 -2.54
CA GLY A 221 13.60 -30.98 -2.70
C GLY A 221 14.98 -30.41 -2.43
N VAL A 222 15.02 -29.22 -1.87
CA VAL A 222 16.27 -28.53 -1.60
C VAL A 222 16.02 -27.55 -0.47
N SER A 223 17.08 -27.22 0.26
CA SER A 223 17.00 -26.27 1.37
C SER A 223 16.01 -26.71 2.48
N PHE A 224 15.44 -25.73 3.19
CA PHE A 224 14.65 -25.99 4.38
C PHE A 224 13.45 -25.08 4.45
N THR A 225 12.54 -25.43 5.35
CA THR A 225 11.55 -24.50 5.85
C THR A 225 11.95 -24.05 7.25
N PHE A 226 11.42 -22.90 7.65
CA PHE A 226 11.70 -22.35 8.98
C PHE A 226 10.42 -21.77 9.61
N GLY A 227 10.28 -21.97 10.92
CA GLY A 227 9.11 -21.50 11.66
C GLY A 227 9.25 -20.08 12.20
N ALA A 228 8.17 -19.60 12.80
CA ALA A 228 8.10 -18.25 13.33
C ALA A 228 9.14 -17.97 14.43
N GLU A 229 9.43 -18.96 15.28
CA GLU A 229 10.43 -18.78 16.36
C GLU A 229 11.83 -18.56 15.80
N VAL A 230 12.15 -19.21 14.67
CA VAL A 230 13.43 -18.97 13.98
C VAL A 230 13.55 -17.50 13.57
N VAL A 231 12.46 -16.96 13.02
CA VAL A 231 12.39 -15.55 12.62
C VAL A 231 12.58 -14.65 13.85
N ALA A 232 11.83 -14.93 14.92
CA ALA A 232 11.90 -14.11 16.12
C ALA A 232 13.32 -14.07 16.67
N LYS A 233 13.93 -15.25 16.77
CA LYS A 233 15.30 -15.38 17.29
C LYS A 233 16.30 -14.62 16.44
N PHE A 234 16.16 -14.73 15.12
CA PHE A 234 17.06 -14.07 14.17
C PHE A 234 17.02 -12.55 14.31
N LEU A 235 15.81 -11.98 14.36
CA LEU A 235 15.63 -10.54 14.51
C LEU A 235 16.22 -10.05 15.82
N HIS A 236 15.99 -10.82 16.88
CA HIS A 236 16.55 -10.45 18.18
C HIS A 236 18.08 -10.49 18.18
N LYS A 237 18.64 -11.57 17.63
CA LYS A 237 20.10 -11.75 17.64
C LYS A 237 20.79 -10.61 16.89
N HIS A 238 20.22 -10.23 15.77
CA HIS A 238 20.85 -9.29 14.85
C HIS A 238 20.28 -7.88 14.94
N ASP A 239 19.39 -7.65 15.89
CA ASP A 239 18.82 -6.32 16.15
C ASP A 239 18.12 -5.75 14.91
N LEU A 240 17.34 -6.60 14.25
CA LEU A 240 16.55 -6.24 13.07
C LEU A 240 15.06 -6.13 13.42
N ASP A 241 14.31 -5.47 12.54
CA ASP A 241 12.88 -5.26 12.73
C ASP A 241 12.03 -6.11 11.81
N LEU A 242 12.59 -6.49 10.65
CA LEU A 242 11.80 -7.13 9.60
C LEU A 242 12.67 -7.95 8.68
N ILE A 243 12.18 -9.12 8.27
CA ILE A 243 12.73 -9.85 7.13
CA ILE A 243 12.74 -9.85 7.13
C ILE A 243 11.81 -9.63 5.94
N CYS A 244 12.40 -9.23 4.82
CA CYS A 244 11.65 -9.01 3.58
C CYS A 244 12.20 -10.01 2.57
N ARG A 245 11.32 -10.89 2.07
CA ARG A 245 11.72 -11.89 1.10
C ARG A 245 10.64 -12.07 0.01
N ALA A 246 10.89 -12.96 -0.94
CA ALA A 246 10.01 -13.15 -2.08
C ALA A 246 9.75 -14.65 -2.28
N HIS A 247 9.87 -15.16 -3.51
CA HIS A 247 10.07 -16.61 -3.76
C HIS A 247 8.81 -17.47 -3.76
N GLN A 248 7.77 -17.06 -3.05
CA GLN A 248 6.50 -17.78 -2.97
C GLN A 248 5.32 -16.92 -3.43
N VAL A 249 4.48 -17.50 -4.28
CA VAL A 249 3.26 -16.85 -4.74
CA VAL A 249 3.28 -16.81 -4.74
CA VAL A 249 3.28 -16.84 -4.73
C VAL A 249 2.35 -16.66 -3.54
N VAL A 250 1.84 -15.44 -3.36
CA VAL A 250 0.94 -15.10 -2.27
C VAL A 250 -0.24 -14.35 -2.84
N GLU A 251 -1.45 -14.68 -2.38
CA GLU A 251 -2.67 -14.24 -3.04
C GLU A 251 -2.78 -12.72 -3.15
N ASP A 252 -2.38 -12.02 -2.09
CA ASP A 252 -2.51 -10.57 -2.04
C ASP A 252 -1.31 -9.83 -2.65
N GLY A 253 -0.31 -10.56 -3.15
CA GLY A 253 0.95 -9.96 -3.57
C GLY A 253 1.97 -9.72 -2.46
N TYR A 254 1.50 -9.61 -1.23
CA TYR A 254 2.33 -9.54 -0.05
C TYR A 254 1.62 -10.33 1.04
N GLU A 255 2.41 -10.85 1.97
CA GLU A 255 1.86 -11.67 3.05
C GLU A 255 2.83 -11.65 4.22
N PHE A 256 2.30 -11.29 5.38
CA PHE A 256 3.07 -11.26 6.61
C PHE A 256 3.11 -12.63 7.26
N PHE A 257 4.15 -12.82 8.06
CA PHE A 257 4.44 -14.06 8.78
C PHE A 257 5.08 -13.71 10.13
N ALA A 258 4.95 -14.60 11.12
CA ALA A 258 5.59 -14.42 12.44
C ALA A 258 5.26 -13.06 13.09
N LYS A 259 3.97 -12.81 13.32
CA LYS A 259 3.53 -11.55 13.91
C LYS A 259 4.13 -10.31 13.20
N ARG A 260 4.07 -10.34 11.87
CA ARG A 260 4.50 -9.23 11.01
CA ARG A 260 4.50 -9.23 11.02
C ARG A 260 6.00 -8.94 11.10
N GLN A 261 6.76 -9.93 11.54
CA GLN A 261 8.22 -9.85 11.59
C GLN A 261 8.87 -10.30 10.26
N LEU A 262 8.09 -10.93 9.40
CA LEU A 262 8.54 -11.28 8.05
C LEU A 262 7.42 -10.95 7.04
N VAL A 263 7.82 -10.53 5.85
CA VAL A 263 6.88 -10.28 4.75
C VAL A 263 7.43 -10.94 3.48
N THR A 264 6.53 -11.58 2.74
CA THR A 264 6.83 -12.17 1.43
C THR A 264 6.22 -11.24 0.41
N LEU A 265 7.02 -10.86 -0.58
CA LEU A 265 6.58 -10.03 -1.71
C LEU A 265 6.64 -10.86 -2.99
N PHE A 266 5.59 -10.77 -3.79
CA PHE A 266 5.53 -11.46 -5.09
C PHE A 266 4.88 -10.48 -6.06
N SER A 267 5.57 -10.15 -7.15
CA SER A 267 5.21 -8.97 -7.93
C SER A 267 4.64 -9.28 -9.30
N ALA A 268 4.44 -10.57 -9.58
CA ALA A 268 3.95 -11.03 -10.87
C ALA A 268 2.49 -11.47 -10.71
N PRO A 269 1.53 -10.61 -11.10
CA PRO A 269 0.12 -11.01 -10.92
C PRO A 269 -0.31 -12.11 -11.88
N ASN A 270 -1.35 -12.85 -11.51
CA ASN A 270 -1.82 -13.98 -12.33
C ASN A 270 -0.65 -14.84 -12.81
N TYR A 271 0.16 -15.29 -11.84
CA TYR A 271 1.42 -15.97 -12.13
C TYR A 271 1.18 -17.18 -13.04
N CYS A 272 1.92 -17.23 -14.14
CA CYS A 272 1.83 -18.33 -15.14
C CYS A 272 0.47 -18.50 -15.77
N GLY A 273 -0.38 -17.50 -15.61
CA GLY A 273 -1.81 -17.68 -15.88
C GLY A 273 -2.42 -18.87 -15.16
N GLU A 274 -1.78 -19.32 -14.07
CA GLU A 274 -2.25 -20.48 -13.30
C GLU A 274 -2.75 -20.10 -11.91
N PHE A 275 -2.43 -18.89 -11.45
CA PHE A 275 -2.85 -18.41 -10.15
C PHE A 275 -3.66 -17.15 -10.33
N ASP A 276 -4.51 -16.83 -9.37
CA ASP A 276 -5.29 -15.60 -9.43
C ASP A 276 -4.75 -14.58 -8.43
N ASN A 277 -3.43 -14.55 -8.28
CA ASN A 277 -2.79 -13.69 -7.30
C ASN A 277 -2.58 -12.26 -7.78
N ALA A 278 -2.57 -11.34 -6.83
CA ALA A 278 -2.09 -9.99 -7.06
C ALA A 278 -0.57 -9.98 -7.01
N GLY A 279 0.01 -8.92 -7.56
CA GLY A 279 1.42 -8.60 -7.44
C GLY A 279 1.57 -7.37 -6.61
N ALA A 280 2.52 -7.37 -5.67
CA ALA A 280 2.72 -6.19 -4.85
C ALA A 280 4.14 -5.68 -4.86
N MET A 281 4.26 -4.38 -4.62
CA MET A 281 5.53 -3.71 -4.43
C MET A 281 5.41 -3.03 -3.07
N MET A 282 6.46 -3.10 -2.26
CA MET A 282 6.43 -2.49 -0.93
C MET A 282 7.14 -1.15 -0.94
N SER A 283 6.44 -0.12 -0.48
CA SER A 283 7.00 1.21 -0.33
CA SER A 283 7.01 1.22 -0.33
C SER A 283 7.50 1.34 1.09
N VAL A 284 8.78 1.66 1.25
CA VAL A 284 9.38 1.84 2.57
C VAL A 284 9.74 3.32 2.68
N ASP A 285 9.10 4.01 3.62
CA ASP A 285 9.30 5.44 3.74
C ASP A 285 10.57 5.75 4.52
N GLU A 286 10.83 7.05 4.72
CA GLU A 286 12.08 7.49 5.30
C GLU A 286 12.30 6.90 6.70
N THR A 287 11.20 6.63 7.41
CA THR A 287 11.26 6.08 8.76
C THR A 287 11.00 4.57 8.83
N LEU A 288 11.10 3.92 7.68
CA LEU A 288 10.95 2.48 7.52
C LEU A 288 9.52 1.97 7.69
N MET A 289 8.55 2.86 7.57
CA MET A 289 7.16 2.45 7.57
C MET A 289 6.80 1.88 6.21
N CYS A 290 6.12 0.74 6.23
CA CYS A 290 5.86 -0.03 5.02
C CYS A 290 4.40 0.06 4.56
N SER A 291 4.22 0.30 3.28
CA SER A 291 2.92 0.28 2.63
C SER A 291 3.07 -0.40 1.28
N PHE A 292 1.95 -0.59 0.58
CA PHE A 292 1.94 -1.42 -0.63
C PHE A 292 1.26 -0.78 -1.84
N GLN A 293 1.81 -1.09 -3.02
CA GLN A 293 1.19 -0.76 -4.27
C GLN A 293 0.95 -2.08 -4.96
N ILE A 294 -0.28 -2.29 -5.41
CA ILE A 294 -0.74 -3.63 -5.76
C ILE A 294 -1.32 -3.69 -7.17
N LEU A 295 -0.84 -4.66 -7.94
CA LEU A 295 -1.42 -4.97 -9.24
C LEU A 295 -2.42 -6.05 -8.97
N LYS A 296 -3.70 -5.68 -8.94
CA LYS A 296 -4.76 -6.63 -8.63
C LYS A 296 -4.88 -7.62 -9.79
N PRO A 297 -5.33 -8.85 -9.50
CA PRO A 297 -5.45 -9.82 -10.59
C PRO A 297 -6.53 -9.41 -11.61
N ALA A 298 -6.38 -9.88 -12.84
CA ALA A 298 -7.24 -9.44 -13.95
C ALA A 298 -8.69 -9.85 -13.74
N LEU B 6 -9.79 22.33 29.76
CA LEU B 6 -9.97 20.93 29.25
C LEU B 6 -8.69 20.13 29.44
N ASN B 7 -8.70 19.06 30.25
CA ASN B 7 -7.48 18.21 30.37
C ASN B 7 -7.44 17.23 29.23
N LEU B 8 -7.05 17.79 28.11
CA LEU B 8 -6.98 17.07 26.88
C LEU B 8 -6.00 15.88 26.94
N ASP B 9 -4.82 16.07 27.52
CA ASP B 9 -3.84 14.98 27.61
C ASP B 9 -4.38 13.81 28.46
N SER B 10 -5.10 14.13 29.54
CA SER B 10 -5.72 13.09 30.37
C SER B 10 -6.74 12.28 29.56
N ILE B 11 -7.56 13.01 28.81
CA ILE B 11 -8.57 12.42 27.95
C ILE B 11 -7.95 11.46 26.94
N ILE B 12 -6.93 11.92 26.23
CA ILE B 12 -6.27 11.09 25.23
C ILE B 12 -5.64 9.84 25.91
N GLY B 13 -5.00 10.05 27.05
CA GLY B 13 -4.42 8.95 27.83
C GLY B 13 -5.44 7.88 28.18
N ARG B 14 -6.62 8.31 28.64
CA ARG B 14 -7.66 7.35 29.00
C ARG B 14 -8.20 6.64 27.76
N LEU B 15 -8.33 7.35 26.65
CA LEU B 15 -8.83 6.72 25.43
C LEU B 15 -7.84 5.69 24.90
N LEU B 16 -6.55 5.98 25.04
CA LEU B 16 -5.53 5.06 24.55
C LEU B 16 -5.17 3.94 25.51
N GLU B 17 -5.57 4.05 26.79
CA GLU B 17 -5.31 3.02 27.82
C GLU B 17 -5.71 1.62 27.40
N VAL B 18 -6.81 1.52 26.64
CA VAL B 18 -7.44 0.23 26.32
C VAL B 18 -6.83 -0.48 25.13
N GLN B 19 -5.88 0.15 24.45
CA GLN B 19 -5.21 -0.55 23.38
C GLN B 19 -4.45 -1.73 23.99
N GLY B 20 -4.58 -2.91 23.41
CA GLY B 20 -3.98 -4.11 23.99
C GLY B 20 -5.05 -5.01 24.58
N SER B 21 -6.18 -4.42 24.95
CA SER B 21 -7.43 -5.16 24.96
C SER B 21 -7.57 -5.59 23.48
N ARG B 22 -8.22 -6.71 23.15
CA ARG B 22 -9.40 -7.22 23.82
C ARG B 22 -10.54 -6.24 23.53
N PRO B 23 -10.90 -6.10 22.24
CA PRO B 23 -12.01 -5.20 21.91
C PRO B 23 -13.21 -5.45 22.80
N GLY B 24 -13.97 -4.41 23.06
CA GLY B 24 -15.12 -4.49 23.96
C GLY B 24 -15.06 -3.49 25.09
N LYS B 25 -13.90 -3.31 25.70
CA LYS B 25 -13.78 -2.42 26.87
C LYS B 25 -14.03 -0.98 26.48
N ASN B 26 -14.98 -0.37 27.16
CA ASN B 26 -15.35 0.99 26.89
C ASN B 26 -14.36 1.95 27.56
N VAL B 27 -14.33 3.19 27.06
CA VAL B 27 -13.73 4.30 27.76
C VAL B 27 -14.85 5.32 27.97
N GLN B 28 -15.13 5.61 29.24
CA GLN B 28 -16.25 6.44 29.63
C GLN B 28 -15.69 7.75 30.16
N LEU B 29 -15.64 8.76 29.30
CA LEU B 29 -15.25 10.10 29.70
C LEU B 29 -16.41 10.75 30.45
N THR B 30 -16.16 11.88 31.12
CA THR B 30 -17.27 12.60 31.74
C THR B 30 -18.04 13.40 30.65
N GLU B 31 -19.29 13.69 30.94
CA GLU B 31 -20.07 14.46 29.99
CA GLU B 31 -20.15 14.53 30.10
C GLU B 31 -19.46 15.87 29.79
N ASN B 32 -18.92 16.48 30.84
CA ASN B 32 -18.21 17.75 30.67
C ASN B 32 -16.95 17.65 29.80
N GLU B 33 -16.22 16.55 29.93
CA GLU B 33 -15.08 16.33 29.04
C GLU B 33 -15.53 16.27 27.58
N ILE B 34 -16.61 15.54 27.32
CA ILE B 34 -17.11 15.41 25.95
C ILE B 34 -17.66 16.76 25.45
N ARG B 35 -18.36 17.49 26.31
CA ARG B 35 -18.82 18.82 25.95
C ARG B 35 -17.64 19.69 25.55
N GLY B 36 -16.55 19.60 26.31
CA GLY B 36 -15.35 20.36 26.02
C GLY B 36 -14.73 19.97 24.68
N LEU B 37 -14.65 18.68 24.41
CA LEU B 37 -14.13 18.21 23.11
C LEU B 37 -14.95 18.78 21.96
N CYS B 38 -16.27 18.76 22.13
CA CYS B 38 -17.18 19.26 21.10
C CYS B 38 -17.03 20.77 20.90
N LEU B 39 -16.99 21.53 22.00
CA LEU B 39 -16.88 23.00 21.93
C LEU B 39 -15.56 23.44 21.31
N LYS B 40 -14.46 22.87 21.80
CA LYS B 40 -13.15 23.29 21.36
C LYS B 40 -12.89 22.84 19.93
N SER B 41 -13.31 21.63 19.56
CA SER B 41 -13.14 21.20 18.17
C SER B 41 -13.99 22.04 17.20
N ARG B 42 -15.22 22.35 17.63
CA ARG B 42 -16.16 23.18 16.85
CA ARG B 42 -16.15 23.17 16.84
C ARG B 42 -15.53 24.53 16.52
N GLU B 43 -14.89 25.13 17.53
CA GLU B 43 -14.18 26.39 17.36
C GLU B 43 -13.11 26.28 16.25
N ILE B 44 -12.34 25.20 16.29
CA ILE B 44 -11.30 24.97 15.31
C ILE B 44 -11.87 24.71 13.91
N PHE B 45 -12.88 23.86 13.82
CA PHE B 45 -13.53 23.61 12.54
C PHE B 45 -14.00 24.91 11.90
N LEU B 46 -14.63 25.79 12.67
CA LEU B 46 -15.15 27.04 12.13
C LEU B 46 -14.04 28.03 11.74
N SER B 47 -12.92 27.98 12.45
CA SER B 47 -11.81 28.89 12.17
CA SER B 47 -11.80 28.88 12.18
C SER B 47 -11.09 28.47 10.89
N GLN B 48 -11.00 27.16 10.66
CA GLN B 48 -10.36 26.64 9.46
C GLN B 48 -11.34 26.61 8.29
N PRO B 49 -10.82 26.61 7.06
CA PRO B 49 -11.72 26.68 5.90
C PRO B 49 -12.62 25.47 5.78
N ILE B 50 -13.79 25.66 5.16
CA ILE B 50 -14.70 24.56 4.89
C ILE B 50 -14.17 23.64 3.79
N LEU B 51 -13.33 24.21 2.91
CA LEU B 51 -12.59 23.45 1.91
C LEU B 51 -11.12 23.53 2.30
N LEU B 52 -10.65 22.45 2.92
CA LEU B 52 -9.29 22.42 3.47
C LEU B 52 -8.25 22.38 2.36
N GLU B 53 -7.15 23.08 2.58
CA GLU B 53 -6.00 23.04 1.69
C GLU B 53 -4.84 22.41 2.46
N LEU B 54 -4.57 21.17 2.11
CA LEU B 54 -3.61 20.32 2.83
C LEU B 54 -2.36 20.01 2.02
N GLU B 55 -1.29 19.72 2.74
CA GLU B 55 -0.03 19.36 2.15
C GLU B 55 0.29 17.92 2.47
N ALA B 56 0.83 17.22 1.50
CA ALA B 56 1.38 15.89 1.70
C ALA B 56 2.83 15.98 2.18
N PRO B 57 3.36 14.92 2.80
CA PRO B 57 2.74 13.61 3.05
C PRO B 57 1.62 13.59 4.10
N LEU B 58 0.67 12.70 3.91
CA LEU B 58 -0.34 12.44 4.92
C LEU B 58 -0.94 11.07 4.68
N LYS B 59 -1.68 10.58 5.66
CA LYS B 59 -2.44 9.35 5.52
C LYS B 59 -3.92 9.71 5.49
N ILE B 60 -4.66 9.03 4.64
CA ILE B 60 -6.09 9.29 4.44
C ILE B 60 -6.89 8.02 4.75
N CYS B 61 -7.92 8.20 5.58
CA CYS B 61 -8.77 7.07 6.01
CA CYS B 61 -8.76 7.11 6.06
C CYS B 61 -10.21 7.32 5.63
N GLY B 62 -10.88 6.23 5.29
CA GLY B 62 -12.32 6.21 5.02
C GLY B 62 -13.13 5.83 6.23
N ASP B 63 -14.32 5.26 5.99
CA ASP B 63 -15.32 5.10 7.05
C ASP B 63 -14.78 4.27 8.21
N ILE B 64 -15.15 4.68 9.43
CA ILE B 64 -14.78 3.96 10.66
C ILE B 64 -16.00 3.37 11.37
N HIS B 65 -17.12 4.10 11.39
CA HIS B 65 -18.39 3.58 11.94
C HIS B 65 -18.25 2.90 13.30
N GLY B 66 -17.61 3.60 14.22
CA GLY B 66 -17.62 3.18 15.62
C GLY B 66 -16.78 1.94 15.94
N GLN B 67 -15.95 1.51 14.99
CA GLN B 67 -15.07 0.36 15.17
C GLN B 67 -13.77 0.82 15.82
N TYR B 68 -13.90 1.18 17.09
CA TYR B 68 -12.83 1.87 17.83
C TYR B 68 -11.56 1.03 17.86
N TYR B 69 -11.68 -0.26 18.10
CA TYR B 69 -10.45 -1.08 18.15
C TYR B 69 -9.74 -1.19 16.79
N ASP B 70 -10.49 -1.10 15.69
CA ASP B 70 -9.90 -0.98 14.35
C ASP B 70 -9.25 0.39 14.11
N LEU B 71 -9.86 1.46 14.62
CA LEU B 71 -9.22 2.79 14.60
C LEU B 71 -7.85 2.72 15.27
N LEU B 72 -7.79 2.09 16.44
CA LEU B 72 -6.50 1.95 17.14
C LEU B 72 -5.51 1.13 16.32
N ARG B 73 -5.98 0.11 15.61
CA ARG B 73 -5.11 -0.66 14.71
C ARG B 73 -4.58 0.21 13.55
N LEU B 74 -5.44 1.04 12.98
CA LEU B 74 -5.04 1.98 11.94
C LEU B 74 -3.92 2.90 12.42
N PHE B 75 -4.06 3.46 13.62
CA PHE B 75 -3.02 4.32 14.15
C PHE B 75 -1.75 3.55 14.46
N GLU B 76 -1.88 2.31 14.92
CA GLU B 76 -0.70 1.47 15.16
CA GLU B 76 -0.70 1.48 15.16
C GLU B 76 0.09 1.27 13.87
N TYR B 77 -0.63 1.03 12.78
CA TYR B 77 -0.03 0.81 11.46
CA TYR B 77 0.07 0.79 11.54
C TYR B 77 0.56 2.09 10.88
N GLY B 78 -0.18 3.18 11.00
CA GLY B 78 0.20 4.43 10.36
C GLY B 78 1.04 5.37 11.19
N GLY B 79 1.04 5.13 12.50
CA GLY B 79 1.68 6.02 13.46
C GLY B 79 0.65 6.86 14.20
N PHE B 80 0.63 6.76 15.52
CA PHE B 80 -0.27 7.60 16.33
C PHE B 80 0.12 9.07 16.18
N PRO B 81 -0.87 9.97 16.03
CA PRO B 81 -0.52 11.38 15.99
C PRO B 81 0.38 11.73 17.16
N PRO B 82 1.40 12.57 16.94
CA PRO B 82 1.69 13.33 15.73
C PRO B 82 2.68 12.65 14.74
N GLU B 83 2.84 11.34 14.81
CA GLU B 83 3.85 10.66 13.98
C GLU B 83 3.52 10.66 12.49
N SER B 84 2.24 10.88 12.18
CA SER B 84 1.79 11.06 10.81
CA SER B 84 1.80 11.07 10.80
C SER B 84 0.70 12.11 10.78
N ASN B 85 0.62 12.85 9.68
CA ASN B 85 -0.54 13.69 9.44
C ASN B 85 -1.67 12.78 8.97
N TYR B 86 -2.91 13.16 9.29
CA TYR B 86 -4.11 12.40 8.93
C TYR B 86 -5.20 13.27 8.35
N LEU B 87 -5.92 12.70 7.39
CA LEU B 87 -7.20 13.21 6.93
C LEU B 87 -8.18 12.05 7.00
N PHE B 88 -9.25 12.19 7.77
CA PHE B 88 -10.35 11.25 7.76
C PHE B 88 -11.49 11.83 6.91
N LEU B 89 -12.18 10.93 6.20
CA LEU B 89 -13.19 11.34 5.21
C LEU B 89 -14.64 11.27 5.73
N GLY B 90 -14.84 11.05 7.03
CA GLY B 90 -16.17 11.06 7.62
C GLY B 90 -16.70 9.68 8.02
N ASP B 91 -17.95 9.65 8.45
CA ASP B 91 -18.61 8.42 8.92
C ASP B 91 -17.83 7.77 10.10
N TYR B 92 -17.77 8.55 11.18
CA TYR B 92 -17.12 8.19 12.42
C TYR B 92 -18.00 7.36 13.32
N VAL B 93 -19.31 7.63 13.26
CA VAL B 93 -20.29 7.06 14.14
C VAL B 93 -21.32 6.22 13.39
N ASP B 94 -22.17 5.55 14.18
CA ASP B 94 -23.22 4.63 13.71
C ASP B 94 -22.66 3.26 13.36
N ARG B 95 -23.53 2.26 13.52
CA ARG B 95 -23.32 0.86 13.15
C ARG B 95 -22.44 0.07 14.14
N GLY B 96 -21.29 0.61 14.52
CA GLY B 96 -20.34 -0.11 15.33
C GLY B 96 -20.66 -0.01 16.81
N LYS B 97 -19.82 -0.63 17.63
CA LYS B 97 -20.12 -0.80 19.03
C LYS B 97 -19.58 0.36 19.88
N GLN B 98 -18.65 1.14 19.32
CA GLN B 98 -17.95 2.15 20.12
C GLN B 98 -17.79 3.47 19.35
N SER B 99 -18.93 4.00 18.92
CA SER B 99 -18.94 5.30 18.26
C SER B 99 -18.42 6.39 19.17
N LEU B 100 -18.78 6.33 20.46
CA LEU B 100 -18.37 7.42 21.38
C LEU B 100 -16.85 7.51 21.49
N GLU B 101 -16.19 6.39 21.74
CA GLU B 101 -14.74 6.38 21.86
C GLU B 101 -14.07 6.86 20.57
N THR B 102 -14.64 6.39 19.46
CA THR B 102 -14.16 6.74 18.14
C THR B 102 -14.17 8.24 17.91
N ILE B 103 -15.34 8.85 17.99
CA ILE B 103 -15.42 10.29 17.75
C ILE B 103 -14.67 11.10 18.80
N CYS B 104 -14.68 10.67 20.05
CA CYS B 104 -13.93 11.40 21.09
C CYS B 104 -12.42 11.42 20.83
N LEU B 105 -11.86 10.29 20.41
CA LEU B 105 -10.42 10.26 20.13
C LEU B 105 -10.09 11.15 18.93
N LEU B 106 -10.92 11.05 17.89
CA LEU B 106 -10.72 11.90 16.70
C LEU B 106 -10.83 13.39 17.02
N LEU B 107 -11.84 13.79 17.79
CA LEU B 107 -11.96 15.20 18.18
C LEU B 107 -10.79 15.63 19.07
N ALA B 108 -10.36 14.78 19.98
CA ALA B 108 -9.24 15.09 20.86
C ALA B 108 -7.96 15.32 20.06
N TYR B 109 -7.70 14.49 19.05
CA TYR B 109 -6.53 14.69 18.20
C TYR B 109 -6.64 15.95 17.31
N LYS B 110 -7.85 16.27 16.86
CA LYS B 110 -8.07 17.53 16.15
C LYS B 110 -7.66 18.72 17.01
N ILE B 111 -8.05 18.70 18.28
CA ILE B 111 -7.73 19.80 19.19
C ILE B 111 -6.24 19.83 19.53
N LYS B 112 -5.65 18.65 19.70
CA LYS B 112 -4.27 18.53 20.10
C LYS B 112 -3.31 18.94 18.99
N TYR B 113 -3.61 18.51 17.75
CA TYR B 113 -2.74 18.74 16.58
C TYR B 113 -3.54 19.36 15.44
N PRO B 114 -4.03 20.59 15.64
CA PRO B 114 -5.03 21.19 14.76
C PRO B 114 -4.52 21.51 13.34
N GLU B 115 -3.21 21.65 13.17
CA GLU B 115 -2.59 21.85 11.86
C GLU B 115 -2.09 20.55 11.21
N ASN B 116 -2.27 19.41 11.88
CA ASN B 116 -1.70 18.13 11.41
C ASN B 116 -2.70 16.99 11.42
N PHE B 117 -3.94 17.29 11.72
CA PHE B 117 -4.95 16.27 11.88
C PHE B 117 -6.26 16.87 11.42
N PHE B 118 -6.94 16.18 10.50
CA PHE B 118 -8.11 16.74 9.83
C PHE B 118 -9.24 15.71 9.69
N LEU B 119 -10.45 16.22 9.86
CA LEU B 119 -11.68 15.42 9.80
C LEU B 119 -12.67 16.09 8.87
N LEU B 120 -13.16 15.36 7.88
CA LEU B 120 -14.26 15.84 7.06
C LEU B 120 -15.60 15.28 7.55
N ARG B 121 -16.68 15.89 7.07
CA ARG B 121 -18.02 15.44 7.36
C ARG B 121 -18.48 14.31 6.44
N GLY B 122 -18.99 13.23 7.04
CA GLY B 122 -19.66 12.18 6.28
C GLY B 122 -21.17 12.31 6.42
N ASN B 123 -21.89 11.47 5.66
CA ASN B 123 -23.34 11.51 5.74
C ASN B 123 -23.88 11.05 7.09
N HIS B 124 -23.07 10.35 7.89
CA HIS B 124 -23.49 9.95 9.24
C HIS B 124 -23.26 11.01 10.32
N GLU B 125 -22.56 12.08 9.97
CA GLU B 125 -22.40 13.20 10.89
C GLU B 125 -23.59 14.12 10.68
N CYS B 126 -24.75 13.60 11.04
CA CYS B 126 -26.03 14.17 10.65
C CYS B 126 -27.07 13.58 11.60
N ALA B 127 -27.84 14.45 12.25
CA ALA B 127 -28.77 14.04 13.30
C ALA B 127 -29.78 12.99 12.85
N SER B 128 -30.38 13.22 11.68
CA SER B 128 -31.43 12.33 11.18
CA SER B 128 -31.43 12.32 11.22
C SER B 128 -30.91 10.91 11.00
N ILE B 129 -29.71 10.80 10.44
CA ILE B 129 -29.08 9.51 10.19
C ILE B 129 -28.71 8.84 11.54
N ASN B 130 -28.14 9.59 12.48
CA ASN B 130 -27.89 9.11 13.88
C ASN B 130 -29.05 8.49 14.60
N ARG B 131 -30.23 9.06 14.42
CA ARG B 131 -31.41 8.52 15.09
C ARG B 131 -31.73 7.09 14.69
N ILE B 132 -31.36 6.73 13.46
CA ILE B 132 -31.71 5.44 12.92
C ILE B 132 -30.58 4.46 13.15
N TYR B 133 -29.33 4.91 12.93
CA TYR B 133 -28.22 3.96 12.74
C TYR B 133 -27.29 3.74 13.95
N GLY B 134 -27.66 4.29 15.09
CA GLY B 134 -27.09 3.84 16.37
C GLY B 134 -26.55 4.87 17.32
N PHE B 135 -26.05 5.99 16.80
CA PHE B 135 -25.30 6.93 17.65
C PHE B 135 -26.21 7.62 18.67
N TYR B 136 -27.42 7.98 18.25
CA TYR B 136 -28.42 8.55 19.18
C TYR B 136 -28.63 7.58 20.35
N ASP B 137 -28.86 6.32 20.02
CA ASP B 137 -29.13 5.32 21.06
C ASP B 137 -27.92 5.15 21.99
N GLU B 138 -26.73 5.16 21.42
CA GLU B 138 -25.50 5.03 22.19
C GLU B 138 -25.40 6.19 23.20
N CYS B 139 -25.65 7.40 22.73
CA CYS B 139 -25.61 8.57 23.60
C CYS B 139 -26.67 8.51 24.68
N LYS B 140 -27.88 8.12 24.30
CA LYS B 140 -28.98 8.04 25.27
C LYS B 140 -28.64 7.06 26.40
N ARG B 141 -28.02 5.95 26.04
CA ARG B 141 -27.70 4.91 27.01
C ARG B 141 -26.55 5.28 27.92
N ARG B 142 -25.46 5.79 27.32
CA ARG B 142 -24.22 6.01 28.04
C ARG B 142 -24.12 7.40 28.65
N TYR B 143 -24.89 8.34 28.12
CA TYR B 143 -24.89 9.74 28.60
C TYR B 143 -26.34 10.23 28.69
N ASN B 144 -26.71 11.17 27.82
CA ASN B 144 -28.07 11.66 27.73
C ASN B 144 -28.26 12.25 26.33
N ILE B 145 -29.52 12.54 25.99
CA ILE B 145 -29.86 13.02 24.64
C ILE B 145 -29.30 14.43 24.40
N LYS B 146 -29.20 15.23 25.47
CA LYS B 146 -28.56 16.55 25.36
C LYS B 146 -27.12 16.43 24.84
N LEU B 147 -26.38 15.41 25.27
CA LEU B 147 -24.99 15.28 24.81
C LEU B 147 -24.98 14.92 23.33
N TRP B 148 -25.96 14.14 22.89
CA TRP B 148 -26.09 13.84 21.46
C TRP B 148 -26.27 15.12 20.65
N LYS B 149 -27.13 16.02 21.13
CA LYS B 149 -27.31 17.33 20.50
C LYS B 149 -26.00 18.13 20.45
N THR B 150 -25.22 18.04 21.53
CA THR B 150 -23.90 18.67 21.58
C THR B 150 -23.01 18.12 20.46
N PHE B 151 -23.01 16.80 20.26
CA PHE B 151 -22.29 16.23 19.12
C PHE B 151 -22.82 16.74 17.78
N THR B 152 -24.14 16.78 17.61
CA THR B 152 -24.66 17.16 16.30
CA THR B 152 -24.79 17.24 16.35
C THR B 152 -24.32 18.64 15.99
N ASP B 153 -24.30 19.52 17.00
CA ASP B 153 -23.88 20.91 16.78
C ASP B 153 -22.42 20.98 16.34
N CYS B 154 -21.60 20.07 16.83
CA CYS B 154 -20.19 20.00 16.45
C CYS B 154 -20.10 19.49 15.01
N PHE B 155 -20.79 18.40 14.72
CA PHE B 155 -20.85 17.81 13.38
C PHE B 155 -21.27 18.85 12.34
N ASN B 156 -22.23 19.69 12.70
CA ASN B 156 -22.74 20.74 11.82
C ASN B 156 -21.67 21.76 11.40
N CYS B 157 -20.52 21.74 12.09
CA CYS B 157 -19.40 22.63 11.76
C CYS B 157 -18.24 21.98 11.02
N LEU B 158 -18.31 20.67 10.78
CA LEU B 158 -17.20 19.96 10.11
C LEU B 158 -16.99 20.49 8.69
N PRO B 159 -15.73 20.54 8.24
CA PRO B 159 -15.47 20.88 6.84
C PRO B 159 -15.98 19.76 5.94
N ILE B 160 -16.16 20.07 4.68
CA ILE B 160 -16.85 19.21 3.72
CA ILE B 160 -16.81 19.10 3.78
C ILE B 160 -15.95 18.60 2.64
N ALA B 161 -14.80 19.23 2.38
CA ALA B 161 -13.89 18.72 1.37
C ALA B 161 -12.48 19.22 1.67
N ALA B 162 -11.52 18.59 1.02
CA ALA B 162 -10.11 18.97 1.12
C ALA B 162 -9.45 18.81 -0.23
N ILE B 163 -8.49 19.69 -0.51
CA ILE B 163 -7.64 19.48 -1.66
C ILE B 163 -6.21 19.37 -1.18
N VAL B 164 -5.56 18.26 -1.54
CA VAL B 164 -4.19 18.01 -1.16
C VAL B 164 -3.26 18.49 -2.29
N ASP B 165 -2.44 19.49 -1.98
CA ASP B 165 -1.41 20.06 -2.89
C ASP B 165 -1.98 20.37 -4.27
N GLU B 166 -3.18 20.95 -4.27
CA GLU B 166 -3.87 21.42 -5.47
C GLU B 166 -4.22 20.31 -6.46
N LYS B 167 -4.14 19.04 -6.04
CA LYS B 167 -4.24 17.92 -7.00
C LYS B 167 -5.13 16.73 -6.62
N ILE B 168 -5.34 16.49 -5.33
CA ILE B 168 -6.23 15.41 -4.91
C ILE B 168 -7.43 16.04 -4.23
N PHE B 169 -8.60 15.90 -4.84
CA PHE B 169 -9.84 16.42 -4.28
C PHE B 169 -10.48 15.34 -3.43
N CYS B 170 -10.71 15.66 -2.16
CA CYS B 170 -11.21 14.69 -1.17
C CYS B 170 -12.55 15.09 -0.63
N CYS B 171 -13.47 14.14 -0.60
CA CYS B 171 -14.76 14.34 0.05
C CYS B 171 -15.34 12.98 0.43
N HIS B 172 -16.40 12.98 1.21
CA HIS B 172 -16.91 11.72 1.69
C HIS B 172 -17.62 10.92 0.60
N GLY B 173 -18.60 11.55 -0.04
CA GLY B 173 -19.45 10.87 -1.03
C GLY B 173 -18.89 11.02 -2.42
N GLY B 174 -19.14 12.15 -3.05
CA GLY B 174 -18.64 12.30 -4.42
C GLY B 174 -18.98 13.62 -5.05
N LEU B 175 -18.95 13.62 -6.38
CA LEU B 175 -19.20 14.82 -7.16
C LEU B 175 -20.67 15.17 -7.15
N SER B 176 -20.96 16.38 -7.59
CA SER B 176 -22.30 16.94 -7.67
C SER B 176 -22.52 17.53 -9.05
N PRO B 177 -23.71 17.35 -9.63
CA PRO B 177 -23.99 18.06 -10.88
C PRO B 177 -23.98 19.59 -10.71
N ASP B 178 -24.08 20.06 -9.47
CA ASP B 178 -24.07 21.48 -9.16
C ASP B 178 -22.69 22.05 -8.81
N LEU B 179 -21.66 21.20 -8.80
CA LEU B 179 -20.30 21.67 -8.51
C LEU B 179 -19.59 22.13 -9.79
N GLN B 180 -19.60 23.44 -10.03
CA GLN B 180 -18.92 24.06 -11.18
C GLN B 180 -17.60 24.72 -10.78
N SER B 181 -17.57 25.30 -9.58
CA SER B 181 -16.39 25.99 -9.07
C SER B 181 -16.16 25.60 -7.62
N MET B 182 -14.89 25.47 -7.23
CA MET B 182 -14.55 25.23 -5.83
C MET B 182 -15.06 26.35 -4.91
N GLU B 183 -15.21 27.56 -5.43
CA GLU B 183 -15.78 28.65 -4.66
C GLU B 183 -17.19 28.37 -4.15
N GLN B 184 -17.94 27.51 -4.84
CA GLN B 184 -19.27 27.12 -4.38
C GLN B 184 -19.24 26.39 -3.04
N ILE B 185 -18.20 25.57 -2.86
CA ILE B 185 -17.99 24.88 -1.58
C ILE B 185 -17.57 25.88 -0.52
N ARG B 186 -16.65 26.77 -0.88
CA ARG B 186 -16.12 27.75 0.07
C ARG B 186 -17.19 28.71 0.60
N ARG B 187 -18.22 28.96 -0.21
CA ARG B 187 -19.32 29.84 0.16
C ARG B 187 -20.33 29.23 1.12
N ILE B 188 -20.27 27.92 1.36
CA ILE B 188 -21.21 27.26 2.26
C ILE B 188 -20.94 27.73 3.69
N MET B 189 -21.98 28.21 4.36
CA MET B 189 -21.86 28.73 5.71
C MET B 189 -22.16 27.64 6.72
N ARG B 190 -21.46 27.72 7.86
CA ARG B 190 -21.61 26.78 8.96
C ARG B 190 -21.94 27.55 10.23
N PRO B 191 -22.66 26.94 11.18
CA PRO B 191 -23.15 25.57 11.14
C PRO B 191 -24.28 25.36 10.16
N THR B 192 -24.35 24.14 9.62
CA THR B 192 -25.44 23.73 8.76
C THR B 192 -25.79 22.27 9.01
N ASP B 193 -27.07 21.95 8.82
CA ASP B 193 -27.51 20.57 8.68
C ASP B 193 -27.14 20.10 7.28
N VAL B 194 -27.18 18.78 7.08
CA VAL B 194 -27.03 18.20 5.75
C VAL B 194 -28.41 18.25 5.08
N PRO B 195 -28.55 18.96 3.94
CA PRO B 195 -29.85 18.96 3.27
C PRO B 195 -30.08 17.67 2.48
N ASP B 196 -31.33 17.42 2.08
CA ASP B 196 -31.65 16.18 1.33
C ASP B 196 -31.50 16.32 -0.18
N GLN B 197 -31.00 17.47 -0.62
CA GLN B 197 -30.70 17.72 -2.02
C GLN B 197 -29.68 18.86 -2.12
N GLY B 198 -28.97 18.90 -3.23
CA GLY B 198 -28.03 20.01 -3.52
C GLY B 198 -26.57 19.65 -3.29
N LEU B 199 -25.71 20.65 -3.47
CA LEU B 199 -24.27 20.46 -3.47
C LEU B 199 -23.75 19.75 -2.21
N LEU B 200 -24.12 20.26 -1.03
CA LEU B 200 -23.65 19.70 0.23
C LEU B 200 -24.13 18.24 0.37
N CYS B 201 -25.38 18.01 0.00
CA CYS B 201 -25.94 16.65 0.01
C CYS B 201 -25.07 15.72 -0.85
N ASP B 202 -24.81 16.13 -2.08
CA ASP B 202 -24.08 15.31 -3.02
C ASP B 202 -22.65 15.01 -2.56
N LEU B 203 -21.96 16.02 -2.03
CA LEU B 203 -20.58 15.83 -1.54
C LEU B 203 -20.51 14.75 -0.45
N LEU B 204 -21.60 14.57 0.28
CA LEU B 204 -21.66 13.56 1.34
C LEU B 204 -22.37 12.24 0.95
N TRP B 205 -23.07 12.21 -0.19
CA TRP B 205 -23.93 11.08 -0.49
C TRP B 205 -23.73 10.40 -1.85
N SER B 206 -23.16 11.09 -2.83
CA SER B 206 -23.12 10.52 -4.19
C SER B 206 -22.12 9.37 -4.33
N ASP B 207 -22.34 8.54 -5.37
CA ASP B 207 -21.49 7.38 -5.64
C ASP B 207 -21.07 7.31 -7.10
N PRO B 208 -19.84 6.82 -7.34
CA PRO B 208 -19.48 6.50 -8.70
C PRO B 208 -20.19 5.22 -9.14
N ASP B 209 -20.40 5.05 -10.44
CA ASP B 209 -21.04 3.86 -10.95
C ASP B 209 -20.50 3.58 -12.35
N LYS B 210 -19.99 2.37 -12.54
CA LYS B 210 -19.39 1.98 -13.80
C LYS B 210 -20.42 1.80 -14.91
N ASP B 211 -21.68 1.64 -14.55
CA ASP B 211 -22.74 1.37 -15.53
C ASP B 211 -23.49 2.62 -15.97
N VAL B 212 -23.25 3.77 -15.34
CA VAL B 212 -23.92 5.01 -15.74
C VAL B 212 -23.01 5.86 -16.65
N GLN B 213 -23.62 6.44 -17.67
CA GLN B 213 -22.98 7.46 -18.49
C GLN B 213 -23.57 8.79 -18.07
N GLY B 214 -22.75 9.61 -17.43
CA GLY B 214 -23.18 10.90 -16.92
C GLY B 214 -23.69 10.78 -15.51
N TRP B 215 -24.81 11.42 -15.23
CA TRP B 215 -25.44 11.41 -13.92
C TRP B 215 -26.62 10.46 -13.90
N GLY B 216 -26.81 9.79 -12.78
CA GLY B 216 -27.93 8.88 -12.62
C GLY B 216 -28.56 8.98 -11.25
N GLU B 217 -29.74 8.38 -11.12
CA GLU B 217 -30.44 8.26 -9.85
C GLU B 217 -29.65 7.35 -8.92
N ASN B 218 -29.63 7.69 -7.64
CA ASN B 218 -28.92 6.91 -6.65
C ASN B 218 -29.91 6.06 -5.87
N ASP B 219 -29.65 4.76 -5.78
CA ASP B 219 -30.55 3.82 -5.06
C ASP B 219 -30.66 4.08 -3.56
N ARG B 220 -29.80 4.95 -3.01
CA ARG B 220 -29.91 5.33 -1.60
C ARG B 220 -31.13 6.22 -1.35
N GLY B 221 -31.73 6.76 -2.41
CA GLY B 221 -32.94 7.58 -2.30
C GLY B 221 -32.68 9.08 -2.21
N VAL B 222 -31.41 9.46 -2.24
CA VAL B 222 -30.98 10.86 -2.34
C VAL B 222 -29.76 10.91 -3.24
N SER B 223 -29.53 12.09 -3.77
CA SER B 223 -28.33 12.40 -4.55
C SER B 223 -28.31 11.60 -5.86
N PHE B 224 -27.11 11.36 -6.38
CA PHE B 224 -26.90 10.84 -7.72
C PHE B 224 -25.77 9.82 -7.74
N THR B 225 -25.72 9.09 -8.85
CA THR B 225 -24.54 8.35 -9.25
C THR B 225 -23.88 9.13 -10.40
N PHE B 226 -22.58 8.94 -10.57
CA PHE B 226 -21.84 9.54 -11.66
C PHE B 226 -20.88 8.54 -12.29
N GLY B 227 -20.71 8.67 -13.60
CA GLY B 227 -19.85 7.79 -14.35
C GLY B 227 -18.41 8.24 -14.48
N ALA B 228 -17.63 7.39 -15.14
CA ALA B 228 -16.20 7.63 -15.37
C ALA B 228 -15.90 8.91 -16.17
N GLU B 229 -16.74 9.22 -17.16
CA GLU B 229 -16.52 10.42 -17.96
C GLU B 229 -16.74 11.71 -17.16
N VAL B 230 -17.69 11.68 -16.22
CA VAL B 230 -17.89 12.80 -15.30
C VAL B 230 -16.60 13.04 -14.50
N VAL B 231 -15.99 11.96 -14.02
CA VAL B 231 -14.73 12.07 -13.28
C VAL B 231 -13.61 12.65 -14.14
N ALA B 232 -13.48 12.13 -15.35
CA ALA B 232 -12.46 12.59 -16.30
C ALA B 232 -12.61 14.09 -16.59
N LYS B 233 -13.84 14.51 -16.89
CA LYS B 233 -14.13 15.90 -17.23
C LYS B 233 -13.81 16.81 -16.04
N PHE B 234 -14.19 16.37 -14.84
CA PHE B 234 -13.98 17.14 -13.62
C PHE B 234 -12.50 17.37 -13.34
N LEU B 235 -11.69 16.32 -13.47
CA LEU B 235 -10.25 16.42 -13.23
C LEU B 235 -9.60 17.39 -14.21
N HIS B 236 -10.01 17.27 -15.48
CA HIS B 236 -9.45 18.10 -16.54
C HIS B 236 -9.83 19.56 -16.31
N LYS B 237 -11.10 19.80 -15.99
CA LYS B 237 -11.58 21.16 -15.75
C LYS B 237 -10.81 21.83 -14.62
N HIS B 238 -10.58 21.09 -13.55
CA HIS B 238 -10.05 21.65 -12.31
C HIS B 238 -8.55 21.42 -12.12
N ASP B 239 -7.90 20.82 -13.13
CA ASP B 239 -6.46 20.54 -13.10
C ASP B 239 -6.09 19.68 -11.89
N LEU B 240 -6.90 18.64 -11.67
CA LEU B 240 -6.69 17.72 -10.58
C LEU B 240 -6.18 16.40 -11.14
N ASP B 241 -5.53 15.61 -10.28
CA ASP B 241 -5.07 14.29 -10.63
C ASP B 241 -5.95 13.15 -10.11
N LEU B 242 -6.68 13.40 -9.02
CA LEU B 242 -7.35 12.32 -8.31
C LEU B 242 -8.51 12.81 -7.48
N ILE B 243 -9.61 12.04 -7.48
CA ILE B 243 -10.69 12.21 -6.50
CA ILE B 243 -10.69 12.20 -6.51
C ILE B 243 -10.54 11.09 -5.49
N CYS B 244 -10.54 11.44 -4.21
CA CYS B 244 -10.42 10.48 -3.13
C CYS B 244 -11.67 10.60 -2.27
N ARG B 245 -12.40 9.50 -2.12
CA ARG B 245 -13.67 9.53 -1.41
C ARG B 245 -13.87 8.23 -0.65
N ALA B 246 -14.99 8.09 0.06
CA ALA B 246 -15.19 6.93 0.92
C ALA B 246 -16.59 6.35 0.71
N HIS B 247 -17.38 6.19 1.78
CA HIS B 247 -18.86 6.08 1.68
C HIS B 247 -19.41 4.71 1.22
N GLN B 248 -18.63 3.94 0.48
CA GLN B 248 -19.06 2.60 0.04
C GLN B 248 -18.09 1.53 0.52
N VAL B 249 -18.64 0.43 1.03
CA VAL B 249 -17.84 -0.73 1.39
CA VAL B 249 -17.82 -0.71 1.40
CA VAL B 249 -17.82 -0.71 1.41
C VAL B 249 -17.18 -1.30 0.15
N VAL B 250 -15.87 -1.53 0.23
CA VAL B 250 -15.12 -2.13 -0.87
C VAL B 250 -14.32 -3.27 -0.28
N GLU B 251 -14.28 -4.39 -1.02
CA GLU B 251 -13.75 -5.65 -0.50
C GLU B 251 -12.30 -5.55 -0.05
N ASP B 252 -11.50 -4.81 -0.82
CA ASP B 252 -10.07 -4.68 -0.55
C ASP B 252 -9.70 -3.52 0.39
N GLY B 253 -10.69 -2.74 0.84
CA GLY B 253 -10.42 -1.58 1.67
C GLY B 253 -10.26 -0.31 0.84
N TYR B 254 -9.80 -0.49 -0.40
CA TYR B 254 -9.69 0.61 -1.36
C TYR B 254 -10.05 0.06 -2.72
N GLU B 255 -10.50 0.93 -3.61
CA GLU B 255 -10.88 0.49 -4.95
C GLU B 255 -10.76 1.66 -5.89
N PHE B 256 -10.04 1.46 -7.00
CA PHE B 256 -9.91 2.52 -7.99
C PHE B 256 -11.07 2.48 -8.97
N PHE B 257 -11.31 3.62 -9.60
CA PHE B 257 -12.40 3.80 -10.57
C PHE B 257 -11.92 4.76 -11.67
N ALA B 258 -12.41 4.57 -12.89
CA ALA B 258 -12.11 5.50 -14.00
C ALA B 258 -10.60 5.59 -14.30
N LYS B 259 -9.98 4.46 -14.58
CA LYS B 259 -8.53 4.40 -14.86
C LYS B 259 -7.70 5.12 -13.79
N ARG B 260 -7.96 4.77 -12.53
CA ARG B 260 -7.26 5.31 -11.36
CA ARG B 260 -7.25 5.31 -11.37
C ARG B 260 -7.40 6.83 -11.18
N GLN B 261 -8.48 7.40 -11.72
CA GLN B 261 -8.76 8.83 -11.55
C GLN B 261 -9.56 9.10 -10.28
N LEU B 262 -10.13 8.05 -9.71
CA LEU B 262 -10.87 8.13 -8.45
C LEU B 262 -10.54 6.90 -7.62
N VAL B 263 -10.45 7.09 -6.30
CA VAL B 263 -10.30 5.97 -5.36
C VAL B 263 -11.34 6.08 -4.25
N THR B 264 -11.90 4.93 -3.88
CA THR B 264 -12.78 4.78 -2.71
C THR B 264 -11.97 4.10 -1.60
N LEU B 265 -11.97 4.74 -0.42
CA LEU B 265 -11.36 4.21 0.80
C LEU B 265 -12.45 3.85 1.79
N PHE B 266 -12.31 2.69 2.42
CA PHE B 266 -13.23 2.24 3.47
C PHE B 266 -12.37 1.61 4.56
N SER B 267 -12.49 2.07 5.81
CA SER B 267 -11.48 1.71 6.80
C SER B 267 -11.99 0.86 7.97
N ALA B 268 -13.21 0.36 7.85
CA ALA B 268 -13.85 -0.46 8.86
C ALA B 268 -13.90 -1.92 8.39
N PRO B 269 -12.96 -2.77 8.86
CA PRO B 269 -12.96 -4.15 8.36
C PRO B 269 -14.14 -4.94 8.86
N ASN B 270 -14.57 -5.93 8.08
CA ASN B 270 -15.74 -6.75 8.38
C ASN B 270 -16.91 -5.92 8.87
N TYR B 271 -17.26 -4.94 8.04
CA TYR B 271 -18.29 -3.96 8.36
C TYR B 271 -19.62 -4.62 8.71
N CYS B 272 -20.14 -4.26 9.89
CA CYS B 272 -21.41 -4.78 10.42
C CYS B 272 -21.38 -6.27 10.69
N GLY B 273 -20.17 -6.85 10.66
CA GLY B 273 -20.00 -8.29 10.76
C GLY B 273 -20.56 -9.04 9.57
N GLU B 274 -20.97 -8.31 8.52
CA GLU B 274 -21.72 -8.87 7.40
C GLU B 274 -20.82 -9.00 6.17
N PHE B 275 -20.09 -7.93 5.87
CA PHE B 275 -19.17 -7.95 4.75
C PHE B 275 -17.88 -8.55 5.25
N ASP B 276 -17.09 -9.15 4.38
CA ASP B 276 -15.83 -9.74 4.84
C ASP B 276 -14.71 -8.88 4.29
N ASN B 277 -14.93 -7.57 4.32
CA ASN B 277 -14.03 -6.61 3.71
C ASN B 277 -12.84 -6.26 4.58
N ALA B 278 -11.74 -5.88 3.93
CA ALA B 278 -10.62 -5.24 4.61
C ALA B 278 -10.90 -3.75 4.78
N GLY B 279 -10.14 -3.11 5.66
CA GLY B 279 -10.10 -1.65 5.77
C GLY B 279 -8.77 -1.17 5.23
N ALA B 280 -8.75 -0.04 4.53
CA ALA B 280 -7.49 0.49 4.01
C ALA B 280 -7.28 1.92 4.46
N MET B 281 -6.00 2.26 4.58
CA MET B 281 -5.53 3.61 4.84
C MET B 281 -4.55 3.93 3.73
N MET B 282 -4.73 5.09 3.10
CA MET B 282 -3.90 5.47 1.96
C MET B 282 -2.79 6.42 2.37
N SER B 283 -1.54 6.04 2.08
CA SER B 283 -0.40 6.90 2.31
C SER B 283 -0.20 7.71 1.04
N VAL B 284 -0.14 9.03 1.19
CA VAL B 284 0.15 9.91 0.09
C VAL B 284 1.52 10.54 0.34
N ASP B 285 2.48 10.30 -0.55
CA ASP B 285 3.82 10.85 -0.31
C ASP B 285 3.93 12.27 -0.85
N GLU B 286 5.10 12.88 -0.65
CA GLU B 286 5.28 14.30 -0.99
C GLU B 286 5.11 14.60 -2.48
N THR B 287 5.24 13.58 -3.32
CA THR B 287 4.99 13.71 -4.75
C THR B 287 3.57 13.28 -5.13
N LEU B 288 2.72 13.09 -4.11
CA LEU B 288 1.31 12.68 -4.24
C LEU B 288 1.14 11.26 -4.76
N MET B 289 2.18 10.42 -4.64
CA MET B 289 2.06 9.02 -4.98
C MET B 289 1.38 8.25 -3.87
N CYS B 290 0.45 7.39 -4.26
CA CYS B 290 -0.48 6.72 -3.34
C CYS B 290 -0.10 5.25 -3.13
N SER B 291 -0.08 4.83 -1.86
CA SER B 291 0.11 3.43 -1.50
C SER B 291 -0.82 3.14 -0.32
N PHE B 292 -0.88 1.87 0.10
CA PHE B 292 -1.92 1.42 1.04
C PHE B 292 -1.41 0.54 2.17
N GLN B 293 -1.99 0.75 3.36
CA GLN B 293 -1.82 -0.12 4.51
C GLN B 293 -3.20 -0.73 4.74
N ILE B 294 -3.25 -2.05 4.83
CA ILE B 294 -4.50 -2.78 4.78
CA ILE B 294 -4.51 -2.78 4.79
C ILE B 294 -4.73 -3.57 6.08
N LEU B 295 -5.92 -3.40 6.66
CA LEU B 295 -6.32 -4.15 7.84
C LEU B 295 -7.25 -5.27 7.38
N LYS B 296 -6.84 -6.51 7.62
CA LYS B 296 -7.77 -7.63 7.44
C LYS B 296 -8.67 -7.65 8.68
N PRO B 297 -9.82 -8.32 8.60
CA PRO B 297 -10.62 -8.43 9.84
C PRO B 297 -9.79 -9.01 11.00
N ALA B 298 -10.04 -8.53 12.21
CA ALA B 298 -9.25 -8.92 13.37
C ALA B 298 -9.37 -10.43 13.65
C ACB C 1 7.31 -27.16 -11.02
O ACB C 1 8.26 -27.82 -11.49
OXT ACB C 1 7.46 -25.99 -10.60
CA ACB C 1 5.95 -27.81 -10.95
N ACB C 1 4.88 -26.82 -10.91
CB ACB C 1 5.85 -28.72 -9.72
CG ACB C 1 5.95 -27.92 -8.46
OD1 ACB C 1 5.10 -27.06 -8.21
C4 ACB C 1 4.54 -29.52 -9.72
N ARG C 2 7.00 -28.15 -7.67
CA ARG C 2 7.31 -27.36 -6.48
C ARG C 2 8.53 -26.48 -6.64
C1 1ZN C 3 19.14 -29.64 -6.08
O1 1ZN C 3 18.28 -29.56 -7.22
C2 1ZN C 3 17.24 -28.60 -7.01
C3 1ZN C 3 17.44 -27.40 -7.95
C4 1ZN C 3 18.75 -26.67 -7.69
C5 1ZN C 3 19.77 -26.70 -8.65
C6 1ZN C 3 20.97 -26.01 -8.43
C7 1ZN C 3 21.14 -25.29 -7.26
C8 1ZN C 3 20.13 -25.26 -6.31
C9 1ZN C 3 18.95 -25.94 -6.52
C10 1ZN C 3 15.91 -29.29 -7.31
C11 1ZN C 3 15.74 -30.52 -6.44
C12 1ZN C 3 14.72 -28.39 -7.06
C13 1ZN C 3 13.81 -28.06 -8.02
C14 1ZN C 3 13.86 -28.57 -9.44
C15 1ZN C 3 12.69 -27.18 -7.59
C16 1ZN C 3 11.72 -26.81 -8.41
CA 1ZN C 3 10.60 -25.93 -7.91
N 1ZN C 3 9.39 -26.72 -7.64
C18 1ZN C 3 10.26 -24.84 -8.94
C19 1ZN C 3 11.52 -24.09 -9.42
C 1ZN C 3 9.29 -23.87 -8.31
O 1ZN C 3 9.73 -23.04 -7.52
N FGA C 4 7.99 -23.95 -8.58
CA FGA C 4 7.03 -23.01 -7.98
C FGA C 4 7.07 -21.63 -8.60
O FGA C 4 6.92 -20.62 -7.86
CB FGA C 4 5.58 -23.54 -8.02
CG FGA C 4 4.99 -23.70 -9.41
CD FGA C 4 3.60 -24.29 -9.32
OE1 FGA C 4 3.01 -24.23 -8.25
OXT FGA C 4 7.26 -21.52 -9.82
N MDH C 5 3.03 -24.84 -10.40
CM MDH C 5 1.69 -25.41 -10.32
CA MDH C 5 3.70 -24.85 -11.59
C MDH C 5 4.64 -25.94 -11.88
O MDH C 5 5.25 -26.03 -12.95
CB MDH C 5 3.47 -23.86 -12.47
CG MDH C 5 2.49 -22.75 -12.17
C ACB D 1 -29.84 0.16 5.51
O ACB D 1 -30.75 0.91 5.90
OXT ACB D 1 -28.65 0.55 5.48
CA ACB D 1 -30.19 -1.24 5.04
N ACB D 1 -29.02 -2.10 4.98
CB ACB D 1 -30.82 -1.18 3.64
CG ACB D 1 -29.85 -0.66 2.61
OD1 ACB D 1 -28.83 -1.26 2.34
C4 ACB D 1 -31.29 -2.58 3.25
N ARG D 2 -30.13 0.50 2.03
CA ARG D 2 -29.22 1.15 1.13
C ARG D 2 -28.67 2.42 1.73
C1 1ZN D 3 -33.77 12.14 2.37
O1 1ZN D 3 -33.70 11.18 3.44
C2 1ZN D 3 -32.58 10.30 3.26
C3 1ZN D 3 -31.62 10.44 4.46
C4 1ZN D 3 -31.06 11.85 4.56
C5 1ZN D 3 -31.32 12.61 5.71
C6 1ZN D 3 -30.83 13.90 5.83
C7 1ZN D 3 -30.05 14.45 4.82
C8 1ZN D 3 -29.77 13.71 3.67
C9 1ZN D 3 -30.28 12.41 3.56
C10 1ZN D 3 -33.10 8.87 3.08
C11 1ZN D 3 -34.04 8.82 1.87
C12 1ZN D 3 -31.95 7.89 2.84
C13 1ZN D 3 -31.59 6.90 3.69
C14 1ZN D 3 -32.28 6.62 5.00
C15 1ZN D 3 -30.45 6.05 3.27
C16 1ZN D 3 -29.98 5.02 3.97
CA 1ZN D 3 -28.81 4.21 3.44
N 1ZN D 3 -29.24 2.95 2.83
C18 1ZN D 3 -27.83 3.93 4.56
C19 1ZN D 3 -27.46 5.24 5.27
C 1ZN D 3 -26.58 3.29 4.00
O 1ZN D 3 -25.78 4.01 3.43
N FGA D 4 -26.41 1.97 4.13
CA FGA D 4 -25.22 1.31 3.59
C FGA D 4 -24.05 1.39 4.55
O FGA D 4 -22.90 1.53 4.08
CB FGA D 4 -25.48 -0.14 3.17
CG FGA D 4 -25.75 -1.12 4.31
CD FGA D 4 -26.04 -2.52 3.77
OE1 FGA D 4 -25.67 -2.78 2.62
OXT FGA D 4 -24.26 1.31 5.79
N MDH D 5 -26.68 -3.43 4.53
CM MDH D 5 -27.04 -4.72 3.96
CA MDH D 5 -27.04 -3.14 5.79
C MDH D 5 -28.32 -2.48 6.04
O MDH D 5 -28.67 -2.20 7.19
CB MDH D 5 -26.21 -3.47 6.81
CG MDH D 5 -24.90 -4.16 6.59
MN MN E . 9.90 -17.28 -8.20
MN MN F . 12.36 -18.04 -6.17
I IOD G . 5.86 -14.76 16.42
I IOD G . 6.75 -15.27 16.54
I IOD H . 22.72 -26.47 -17.42
I IOD H . 23.14 -26.12 -17.27
I IOD I . 11.48 -17.44 -20.03
I IOD J . -0.28 -3.56 5.62
I IOD J . 0.14 -3.06 6.09
I IOD K . 1.45 -12.90 10.84
I IOD K . 1.03 -12.00 10.64
I IOD L . 3.55 -9.90 -19.54
I IOD L . 3.99 -10.05 -20.24
I IOD M . -3.54 -17.32 -5.48
I IOD M . -2.41 -17.55 -4.75
CL CL N . 10.79 -19.81 -25.77
CL CL O . 4.16 -12.99 -19.24
CL CL P . 20.86 -26.33 2.13
C1 GOL Q . 25.49 -0.63 -1.17
O1 GOL Q . 26.21 -1.26 -0.11
C2 GOL Q . 26.32 0.21 -2.16
O2 GOL Q . 26.99 -0.63 -3.05
C3 GOL Q . 25.43 1.11 -3.01
O3 GOL Q . 25.93 2.42 -3.12
MN MN R . -20.40 4.80 5.76
MN MN S . -21.21 7.47 4.04
I IOD T . -1.98 0.74 -5.80
I IOD T . -1.71 1.21 -5.89
I IOD U . -9.74 1.02 -12.39
I IOD U . -9.68 1.78 -12.53
I IOD V . -23.40 3.69 17.30
I IOD W . -7.64 22.80 24.77
I IOD X . -17.37 -6.16 0.18
I IOD X . -17.01 -7.40 0.76
I IOD Y . -12.03 7.53 -17.91
I IOD Y . -11.94 6.60 -17.83
I IOD Z . -14.89 -2.14 18.37
I IOD Z . -14.57 -2.43 17.69
CL CL AA . -13.70 23.41 27.85
N1 AZI BA . -20.48 14.06 -18.47
N2 AZI BA . -20.43 12.98 -18.88
N3 AZI BA . -20.49 11.85 -19.19
N1 AZI CA . -33.32 16.42 14.74
N2 AZI CA . -33.23 15.55 13.97
N3 AZI CA . -33.16 14.59 13.30
C1 GOL DA . -6.14 25.31 5.82
O1 GOL DA . -6.87 24.71 4.79
C2 GOL DA . -6.04 24.39 7.02
O2 GOL DA . -6.33 25.13 8.19
C3 GOL DA . -4.66 23.77 7.16
O3 GOL DA . -4.13 24.03 8.44
#